data_8QA5
#
_entry.id   8QA5
#
_cell.length_a   1.00
_cell.length_b   1.00
_cell.length_c   1.00
_cell.angle_alpha   90.00
_cell.angle_beta   90.00
_cell.angle_gamma   90.00
#
_symmetry.space_group_name_H-M   'P 1'
#
loop_
_entity.id
_entity.type
_entity.pdbx_description
1 polymer 'Methylenetetrahydrofolate reductase (NADPH)'
2 non-polymer 'FLAVIN-ADENINE DINUCLEOTIDE'
3 non-polymer S-ADENOSYL-L-HOMOCYSTEINE
#
_entity_poly.entity_id   1
_entity_poly.type   'polypeptide(L)'
_entity_poly.pdbx_seq_one_letter_code
;MVNEARGNSSLNPCLEGSASSGSESSKDSSRCSTPGLDPERHERLREKMRRRLESGDKWFSLEFFPPRTAEGAVNLISRF
DRMAAGGPLYIDVTWHPAGDPGSDKETSSMMIASTAVNYCGLETILHMTCCRQRLEEITGHLHKAKQLGLKNIMALRGDP
IGDQWEEEEGGFNYAVDLVKHIRSEFGDYFDICVAGYPKGHPEAGSFEADLKHLKEKVSAGADFIITQLFFEADTFFRFV
KACTDMGITCPIVPGIFPIQGYHSLRQLVKLSKLEVPQEIKDVIEPIKDNDAAIRNYGIELAVSLCQELLASGLVPGLHF
YTLNREMATTEVLKRLGMWTEDPRRPLPWALSAHPKRREEDVRPIFWASRPKSYIYRTQEWDEFPNGRWGNSSSPAFGEL
KDYYLFYLKSKSPKEELLKMWGEELTSEASVFEVFVLYLSGEPNRNGHKVTCLPWNDEPLAAETSLLKEELLRVNRQGIL
TINSQPNINGKPSSDPIVGWGPSGGYVFQKAYLEFFTSRETAEALLQVLKKYELRVNYHLVNVKGENITNAPELQPNAVT
WGIFPGREIIQPTVVDPVSFMFWKDEAFALWIEQWGKLYEEESPSRTIIQYIHDNYFLVNLVDNDFPLDNCLWQVVEDTL
ELLNRPTQNARETEAPAENLYFQ
;
_entity_poly.pdbx_strand_id   A,B
#
loop_
_chem_comp.id
_chem_comp.type
_chem_comp.name
_chem_comp.formula
FAD non-polymer 'FLAVIN-ADENINE DINUCLEOTIDE' 'C27 H33 N9 O15 P2'
SAH non-polymer S-ADENOSYL-L-HOMOCYSTEINE 'C14 H20 N6 O5 S'
#
# COMPACT_ATOMS: atom_id res chain seq x y z
N GLU A 40 -3.07 -21.62 -12.92
CA GLU A 40 -4.28 -21.17 -13.58
C GLU A 40 -4.65 -19.75 -13.14
N ARG A 41 -5.57 -19.13 -13.85
CA ARG A 41 -6.02 -17.78 -13.51
C ARG A 41 -6.97 -17.83 -12.32
N HIS A 42 -7.15 -16.67 -11.69
CA HIS A 42 -8.06 -16.53 -10.55
C HIS A 42 -8.86 -15.24 -10.71
N GLU A 43 -10.01 -15.20 -10.03
CA GLU A 43 -10.92 -14.07 -10.10
C GLU A 43 -11.62 -13.95 -8.76
N ARG A 44 -12.75 -13.23 -8.75
CA ARG A 44 -13.55 -13.10 -7.56
C ARG A 44 -14.34 -14.38 -7.34
N LEU A 45 -15.31 -14.35 -6.43
CA LEU A 45 -16.14 -15.51 -6.14
C LEU A 45 -15.32 -16.57 -5.42
N ARG A 46 -15.59 -17.85 -5.70
CA ARG A 46 -14.88 -18.93 -5.04
C ARG A 46 -13.38 -18.87 -5.27
N GLU A 47 -12.94 -18.29 -6.39
CA GLU A 47 -11.53 -18.35 -6.74
C GLU A 47 -10.67 -17.57 -5.74
N LYS A 48 -11.20 -16.49 -5.18
CA LYS A 48 -10.43 -15.72 -4.19
C LYS A 48 -10.12 -16.57 -2.96
N MET A 49 -11.13 -17.22 -2.40
CA MET A 49 -10.92 -18.09 -1.25
C MET A 49 -10.26 -19.40 -1.67
N ARG A 50 -10.47 -19.82 -2.92
CA ARG A 50 -9.74 -20.98 -3.44
C ARG A 50 -8.25 -20.69 -3.46
N ARG A 51 -7.87 -19.42 -3.65
CA ARG A 51 -6.45 -19.06 -3.58
C ARG A 51 -5.87 -19.42 -2.21
N ARG A 52 -6.53 -19.01 -1.14
CA ARG A 52 -6.06 -19.34 0.20
C ARG A 52 -6.11 -20.84 0.44
N LEU A 53 -7.15 -21.51 -0.07
CA LEU A 53 -7.24 -22.96 0.07
C LEU A 53 -6.01 -23.64 -0.53
N GLU A 54 -5.66 -23.27 -1.76
CA GLU A 54 -4.51 -23.90 -2.41
C GLU A 54 -3.21 -23.52 -1.72
N SER A 55 -3.07 -22.25 -1.32
CA SER A 55 -1.87 -21.81 -0.63
C SER A 55 -1.79 -22.32 0.80
N GLY A 56 -2.86 -22.91 1.32
CA GLY A 56 -2.86 -23.37 2.70
C GLY A 56 -2.70 -22.27 3.72
N ASP A 57 -3.32 -21.12 3.47
CA ASP A 57 -3.26 -19.98 4.38
C ASP A 57 -4.59 -19.88 5.11
N LYS A 58 -4.55 -19.93 6.43
CA LYS A 58 -5.75 -19.78 7.23
C LYS A 58 -6.13 -18.31 7.36
N TRP A 59 -7.41 -18.02 7.22
CA TRP A 59 -7.92 -16.66 7.26
C TRP A 59 -9.07 -16.57 8.24
N PHE A 60 -9.58 -15.35 8.43
CA PHE A 60 -10.67 -15.10 9.37
C PHE A 60 -11.66 -14.14 8.72
N SER A 61 -12.90 -14.20 9.20
CA SER A 61 -13.95 -13.29 8.76
C SER A 61 -14.78 -12.88 9.96
N LEU A 62 -15.40 -11.71 9.87
CA LEU A 62 -16.20 -11.15 10.94
C LEU A 62 -17.61 -10.91 10.45
N GLU A 63 -18.58 -11.12 11.34
CA GLU A 63 -19.99 -10.90 11.05
C GLU A 63 -20.56 -9.96 12.11
N PHE A 64 -21.29 -8.94 11.65
CA PHE A 64 -21.79 -7.88 12.52
C PHE A 64 -23.29 -7.74 12.35
N PHE A 65 -23.88 -6.90 13.19
CA PHE A 65 -25.30 -6.62 13.15
C PHE A 65 -25.52 -5.13 12.89
N PRO A 66 -26.62 -4.76 12.25
CA PRO A 66 -26.89 -3.34 12.04
C PRO A 66 -27.43 -2.70 13.31
N PRO A 67 -27.04 -1.47 13.61
CA PRO A 67 -27.54 -0.81 14.82
C PRO A 67 -28.89 -0.15 14.59
N ARG A 68 -29.56 0.15 15.70
CA ARG A 68 -30.86 0.79 15.67
C ARG A 68 -30.80 2.30 15.84
N THR A 69 -29.60 2.87 15.93
CA THR A 69 -29.42 4.31 16.08
C THR A 69 -28.31 4.79 15.16
N ALA A 70 -28.41 6.07 14.76
CA ALA A 70 -27.38 6.64 13.90
C ALA A 70 -26.04 6.73 14.61
N GLU A 71 -26.05 7.12 15.89
CA GLU A 71 -24.81 7.17 16.65
C GLU A 71 -24.17 5.79 16.73
N GLY A 72 -24.98 4.76 16.99
CA GLY A 72 -24.47 3.41 16.94
C GLY A 72 -23.92 3.05 15.57
N ALA A 73 -24.55 3.57 14.51
CA ALA A 73 -24.06 3.32 13.17
C ALA A 73 -22.68 3.91 12.95
N VAL A 74 -22.47 5.15 13.42
CA VAL A 74 -21.15 5.77 13.30
C VAL A 74 -20.11 5.00 14.12
N ASN A 75 -20.49 4.60 15.34
CA ASN A 75 -19.57 3.83 16.17
C ASN A 75 -19.21 2.52 15.49
N LEU A 76 -20.19 1.85 14.88
CA LEU A 76 -19.93 0.58 14.21
C LEU A 76 -19.11 0.78 12.95
N ILE A 77 -19.27 1.91 12.27
CA ILE A 77 -18.43 2.19 11.10
C ILE A 77 -16.98 2.36 11.54
N SER A 78 -16.77 3.11 12.62
CA SER A 78 -15.41 3.22 13.16
C SER A 78 -14.89 1.84 13.56
N ARG A 79 -15.77 0.99 14.10
CA ARG A 79 -15.35 -0.36 14.45
C ARG A 79 -14.95 -1.15 13.22
N PHE A 80 -15.71 -1.01 12.12
CA PHE A 80 -15.34 -1.67 10.87
C PHE A 80 -13.97 -1.22 10.41
N ASP A 81 -13.69 0.07 10.53
CA ASP A 81 -12.37 0.59 10.19
C ASP A 81 -11.30 -0.04 11.07
N ARG A 82 -11.60 -0.21 12.36
CA ARG A 82 -10.60 -0.73 13.30
C ARG A 82 -10.32 -2.21 13.06
N MET A 83 -11.37 -3.00 12.80
CA MET A 83 -11.16 -4.44 12.56
C MET A 83 -10.49 -4.70 11.22
N ALA A 84 -10.70 -3.82 10.24
CA ALA A 84 -10.20 -4.09 8.89
C ALA A 84 -8.71 -4.37 8.90
N ALA A 85 -7.97 -3.78 9.84
CA ALA A 85 -6.53 -4.02 9.92
C ALA A 85 -6.21 -5.45 10.37
N GLY A 86 -7.20 -6.20 10.83
CA GLY A 86 -6.99 -7.57 11.28
C GLY A 86 -6.94 -8.59 10.16
N GLY A 87 -6.94 -8.11 8.91
CA GLY A 87 -6.86 -8.99 7.77
C GLY A 87 -8.06 -9.90 7.62
N PRO A 88 -9.27 -9.35 7.77
CA PRO A 88 -10.47 -10.17 7.64
C PRO A 88 -10.85 -10.38 6.19
N LEU A 89 -11.30 -11.58 5.87
CA LEU A 89 -11.68 -11.90 4.50
C LEU A 89 -12.83 -11.03 4.02
N TYR A 90 -13.92 -11.00 4.79
CA TYR A 90 -15.12 -10.28 4.38
C TYR A 90 -15.88 -9.87 5.63
N ILE A 91 -16.83 -8.97 5.45
CA ILE A 91 -17.71 -8.53 6.52
C ILE A 91 -19.14 -8.93 6.18
N ASP A 92 -19.80 -9.59 7.11
CA ASP A 92 -21.17 -10.05 6.93
C ASP A 92 -22.10 -9.21 7.80
N VAL A 93 -23.15 -8.69 7.17
CA VAL A 93 -24.14 -7.84 7.83
C VAL A 93 -25.46 -8.59 7.86
N THR A 94 -26.02 -8.75 9.06
CA THR A 94 -27.27 -9.47 9.22
C THR A 94 -28.44 -8.66 8.67
N TRP A 95 -29.54 -9.35 8.41
CA TRP A 95 -30.73 -8.75 7.79
C TRP A 95 -31.97 -9.23 8.53
N HIS A 96 -32.82 -8.29 8.93
CA HIS A 96 -34.09 -8.59 9.57
C HIS A 96 -35.15 -7.65 9.02
N PRO A 97 -36.41 -8.09 8.93
CA PRO A 97 -37.43 -7.25 8.30
C PRO A 97 -37.93 -6.13 9.20
N ALA A 98 -37.88 -6.32 10.53
CA ALA A 98 -38.39 -5.31 11.44
C ALA A 98 -37.58 -4.01 11.37
N GLY A 99 -36.31 -4.07 11.00
CA GLY A 99 -35.45 -2.91 10.94
C GLY A 99 -35.39 -2.20 9.62
N ASP A 100 -36.22 -2.57 8.65
CA ASP A 100 -36.20 -1.94 7.33
C ASP A 100 -34.78 -2.06 6.76
N PRO A 101 -34.35 -3.26 6.38
CA PRO A 101 -32.97 -3.40 5.90
C PRO A 101 -32.78 -2.93 4.47
N GLY A 102 -33.80 -3.10 3.62
CA GLY A 102 -33.73 -2.64 2.25
C GLY A 102 -33.99 -1.17 2.04
N SER A 103 -34.28 -0.42 3.11
CA SER A 103 -34.61 0.98 2.99
C SER A 103 -33.34 1.83 2.90
N ASP A 104 -33.54 3.14 2.72
CA ASP A 104 -32.45 4.10 2.62
C ASP A 104 -32.14 4.78 3.95
N LYS A 105 -32.59 4.22 5.06
CA LYS A 105 -32.15 4.71 6.37
C LYS A 105 -30.71 4.30 6.64
N GLU A 106 -29.95 5.19 7.27
CA GLU A 106 -28.55 4.90 7.55
C GLU A 106 -28.40 3.66 8.42
N THR A 107 -29.30 3.50 9.39
CA THR A 107 -29.28 2.32 10.25
C THR A 107 -29.60 1.04 9.48
N SER A 108 -30.18 1.16 8.29
CA SER A 108 -30.53 -0.02 7.51
C SER A 108 -29.28 -0.81 7.13
N SER A 109 -29.43 -2.12 7.01
CA SER A 109 -28.29 -2.98 6.74
C SER A 109 -27.65 -2.64 5.40
N MET A 110 -28.47 -2.31 4.39
CA MET A 110 -27.93 -2.06 3.06
C MET A 110 -26.94 -0.90 3.07
N MET A 111 -27.30 0.22 3.69
CA MET A 111 -26.38 1.35 3.73
C MET A 111 -25.17 1.05 4.60
N ILE A 112 -25.34 0.26 5.66
CA ILE A 112 -24.18 -0.11 6.46
C ILE A 112 -23.19 -0.88 5.61
N ALA A 113 -23.68 -1.83 4.82
CA ALA A 113 -22.81 -2.58 3.94
C ALA A 113 -22.16 -1.68 2.89
N SER A 114 -22.94 -0.76 2.31
CA SER A 114 -22.39 0.13 1.31
C SER A 114 -21.28 1.00 1.89
N THR A 115 -21.49 1.53 3.09
CA THR A 115 -20.46 2.32 3.75
C THR A 115 -19.23 1.48 4.05
N ALA A 116 -19.43 0.20 4.40
CA ALA A 116 -18.30 -0.68 4.65
C ALA A 116 -17.41 -0.79 3.41
N VAL A 117 -18.02 -0.84 2.22
CA VAL A 117 -17.26 -1.04 1.00
C VAL A 117 -16.87 0.29 0.38
N ASN A 118 -17.87 1.07 -0.04
CA ASN A 118 -17.62 2.23 -0.90
C ASN A 118 -16.83 3.31 -0.17
N TYR A 119 -17.28 3.70 1.02
CA TYR A 119 -16.68 4.78 1.77
C TYR A 119 -15.73 4.30 2.86
N CYS A 120 -15.52 2.99 2.98
CA CYS A 120 -14.59 2.44 3.95
C CYS A 120 -13.63 1.43 3.35
N GLY A 121 -13.92 0.88 2.18
CA GLY A 121 -13.02 -0.07 1.55
C GLY A 121 -12.87 -1.39 2.27
N LEU A 122 -13.98 -2.13 2.40
CA LEU A 122 -13.96 -3.47 2.98
C LEU A 122 -14.99 -4.33 2.27
N GLU A 123 -14.56 -5.47 1.74
CA GLU A 123 -15.47 -6.40 1.09
C GLU A 123 -16.53 -6.86 2.09
N THR A 124 -17.78 -6.91 1.64
CA THR A 124 -18.89 -7.31 2.50
C THR A 124 -19.70 -8.39 1.80
N ILE A 125 -20.34 -9.24 2.60
CA ILE A 125 -21.27 -10.25 2.11
C ILE A 125 -22.61 -9.94 2.76
N LEU A 126 -23.62 -9.69 1.94
CA LEU A 126 -24.93 -9.25 2.43
C LEU A 126 -25.83 -10.46 2.63
N HIS A 127 -26.29 -10.66 3.86
CA HIS A 127 -27.32 -11.65 4.11
C HIS A 127 -28.64 -11.18 3.49
N MET A 128 -29.56 -12.12 3.31
CA MET A 128 -30.85 -11.80 2.72
C MET A 128 -31.87 -12.86 3.10
N THR A 129 -33.06 -12.40 3.47
CA THR A 129 -34.17 -13.28 3.83
C THR A 129 -35.40 -12.88 3.04
N CYS A 130 -36.23 -13.87 2.71
CA CYS A 130 -37.36 -13.66 1.81
C CYS A 130 -38.68 -14.13 2.41
N CYS A 131 -38.77 -14.20 3.73
CA CYS A 131 -40.06 -14.45 4.37
C CYS A 131 -40.90 -13.17 4.36
N ARG A 132 -42.18 -13.34 4.05
CA ARG A 132 -43.10 -12.20 3.92
C ARG A 132 -42.63 -11.24 2.84
N GLN A 133 -42.06 -11.80 1.76
CA GLN A 133 -41.59 -11.02 0.63
C GLN A 133 -42.06 -11.68 -0.66
N ARG A 134 -42.15 -10.87 -1.71
CA ARG A 134 -42.61 -11.32 -3.02
C ARG A 134 -41.46 -11.21 -4.03
N LEU A 135 -41.74 -11.65 -5.26
CA LEU A 135 -40.73 -11.61 -6.31
C LEU A 135 -40.23 -10.19 -6.55
N GLU A 136 -41.16 -9.23 -6.65
CA GLU A 136 -40.78 -7.87 -7.00
C GLU A 136 -39.90 -7.24 -5.92
N GLU A 137 -40.24 -7.44 -4.65
CA GLU A 137 -39.45 -6.85 -3.58
C GLU A 137 -38.04 -7.40 -3.58
N ILE A 138 -37.90 -8.73 -3.69
CA ILE A 138 -36.58 -9.34 -3.70
C ILE A 138 -35.77 -8.88 -4.89
N THR A 139 -36.41 -8.80 -6.06
CA THR A 139 -35.71 -8.33 -7.26
C THR A 139 -35.25 -6.89 -7.08
N GLY A 140 -36.09 -6.03 -6.51
CA GLY A 140 -35.69 -4.65 -6.30
C GLY A 140 -34.54 -4.51 -5.32
N HIS A 141 -34.58 -5.27 -4.22
CA HIS A 141 -33.49 -5.24 -3.26
C HIS A 141 -32.19 -5.73 -3.88
N LEU A 142 -32.26 -6.79 -4.69
CA LEU A 142 -31.07 -7.31 -5.34
C LEU A 142 -30.53 -6.31 -6.35
N HIS A 143 -31.42 -5.62 -7.08
CA HIS A 143 -30.97 -4.58 -7.99
C HIS A 143 -30.27 -3.44 -7.25
N LYS A 144 -30.84 -3.04 -6.10
CA LYS A 144 -30.22 -1.99 -5.31
C LYS A 144 -28.85 -2.41 -4.79
N ALA A 145 -28.73 -3.67 -4.38
CA ALA A 145 -27.41 -4.20 -4.04
C ALA A 145 -26.48 -4.15 -5.24
N LYS A 146 -27.01 -4.40 -6.43
CA LYS A 146 -26.23 -4.22 -7.66
C LYS A 146 -25.66 -2.82 -7.74
N GLN A 147 -26.53 -1.81 -7.60
CA GLN A 147 -26.11 -0.44 -7.87
C GLN A 147 -25.07 0.06 -6.87
N LEU A 148 -25.08 -0.50 -5.66
CA LEU A 148 -24.19 -0.05 -4.60
C LEU A 148 -22.83 -0.76 -4.63
N GLY A 149 -22.55 -1.57 -5.64
CA GLY A 149 -21.32 -2.31 -5.70
C GLY A 149 -21.31 -3.58 -4.89
N LEU A 150 -22.42 -3.91 -4.23
CA LEU A 150 -22.51 -5.15 -3.46
C LEU A 150 -22.53 -6.35 -4.39
N LYS A 151 -21.72 -7.35 -4.10
CA LYS A 151 -21.55 -8.49 -4.99
C LYS A 151 -21.60 -9.85 -4.29
N ASN A 152 -21.58 -9.88 -2.95
CA ASN A 152 -21.76 -11.11 -2.19
C ASN A 152 -23.10 -11.04 -1.49
N ILE A 153 -23.91 -12.10 -1.64
CA ILE A 153 -25.22 -12.19 -1.01
C ILE A 153 -25.34 -13.53 -0.30
N MET A 154 -25.84 -13.50 0.94
CA MET A 154 -26.08 -14.70 1.73
C MET A 154 -27.56 -15.01 1.70
N ALA A 155 -27.90 -16.28 1.45
CA ALA A 155 -29.30 -16.69 1.40
C ALA A 155 -29.73 -17.23 2.76
N LEU A 156 -30.79 -16.63 3.31
CA LEU A 156 -31.37 -17.07 4.57
C LEU A 156 -32.87 -17.22 4.40
N ARG A 157 -33.45 -18.19 5.13
CA ARG A 157 -34.88 -18.39 5.12
C ARG A 157 -35.60 -17.62 6.23
N GLY A 158 -34.90 -17.28 7.31
CA GLY A 158 -35.50 -16.53 8.39
C GLY A 158 -36.49 -17.38 9.18
N ASP A 159 -37.15 -16.72 10.13
CA ASP A 159 -38.15 -17.35 10.96
C ASP A 159 -39.45 -16.54 10.96
N PRO A 160 -40.58 -17.16 11.27
CA PRO A 160 -41.87 -16.47 11.24
C PRO A 160 -42.19 -15.76 12.56
N PHE A 172 -42.04 -18.03 -1.93
CA PHE A 172 -40.73 -18.13 -1.27
C PHE A 172 -40.85 -18.86 0.05
N ASN A 173 -40.62 -20.18 0.03
CA ASN A 173 -40.75 -21.01 1.21
C ASN A 173 -39.43 -21.58 1.70
N TYR A 174 -38.38 -21.57 0.87
CA TYR A 174 -37.10 -22.14 1.25
C TYR A 174 -35.97 -21.38 0.56
N ALA A 175 -34.77 -21.49 1.12
CA ALA A 175 -33.61 -20.83 0.53
C ALA A 175 -33.32 -21.35 -0.87
N VAL A 176 -33.80 -22.55 -1.19
CA VAL A 176 -33.64 -23.07 -2.55
C VAL A 176 -34.27 -22.10 -3.55
N ASP A 177 -35.49 -21.65 -3.27
CA ASP A 177 -36.16 -20.71 -4.16
C ASP A 177 -35.36 -19.42 -4.28
N LEU A 178 -34.84 -18.91 -3.15
CA LEU A 178 -34.11 -17.65 -3.19
C LEU A 178 -32.87 -17.78 -4.07
N VAL A 179 -32.09 -18.85 -3.87
CA VAL A 179 -30.86 -19.02 -4.64
C VAL A 179 -31.18 -19.22 -6.12
N LYS A 180 -32.19 -20.05 -6.42
CA LYS A 180 -32.54 -20.29 -7.81
C LYS A 180 -33.01 -19.02 -8.49
N HIS A 181 -33.83 -18.21 -7.80
CA HIS A 181 -34.29 -16.96 -8.37
C HIS A 181 -33.14 -16.00 -8.60
N ILE A 182 -32.19 -15.94 -7.65
CA ILE A 182 -31.03 -15.07 -7.82
C ILE A 182 -30.26 -15.48 -9.07
N ARG A 183 -30.00 -16.78 -9.22
CA ARG A 183 -29.26 -17.25 -10.39
C ARG A 183 -30.01 -16.95 -11.68
N SER A 184 -31.32 -17.19 -11.70
CA SER A 184 -32.09 -17.01 -12.93
C SER A 184 -32.18 -15.53 -13.31
N GLU A 185 -32.43 -14.66 -12.35
CA GLU A 185 -32.67 -13.25 -12.64
C GLU A 185 -31.39 -12.45 -12.82
N PHE A 186 -30.28 -12.88 -12.20
CA PHE A 186 -29.03 -12.15 -12.30
C PHE A 186 -27.85 -13.06 -12.63
N GLY A 187 -28.11 -14.27 -13.11
CA GLY A 187 -27.03 -15.14 -13.52
C GLY A 187 -26.06 -15.44 -12.39
N ASP A 188 -24.77 -15.48 -12.74
CA ASP A 188 -23.71 -15.81 -11.79
C ASP A 188 -22.90 -14.59 -11.36
N TYR A 189 -23.45 -13.38 -11.55
CA TYR A 189 -22.71 -12.18 -11.19
C TYR A 189 -22.42 -12.13 -9.69
N PHE A 190 -23.32 -12.69 -8.89
CA PHE A 190 -23.25 -12.58 -7.44
C PHE A 190 -22.73 -13.87 -6.82
N ASP A 191 -22.02 -13.75 -5.71
CA ASP A 191 -21.73 -14.90 -4.87
C ASP A 191 -22.99 -15.31 -4.11
N ILE A 192 -23.20 -16.62 -4.00
CA ILE A 192 -24.32 -17.18 -3.25
C ILE A 192 -23.76 -18.15 -2.22
N CYS A 193 -24.18 -17.98 -0.98
CA CYS A 193 -23.79 -18.88 0.11
C CYS A 193 -25.02 -19.21 0.94
N VAL A 194 -25.07 -20.44 1.42
CA VAL A 194 -26.24 -20.97 2.13
C VAL A 194 -25.81 -21.39 3.53
N ALA A 195 -26.69 -21.10 4.49
CA ALA A 195 -26.46 -21.47 5.87
C ALA A 195 -26.48 -22.99 6.04
N GLY A 196 -25.60 -23.49 6.89
CA GLY A 196 -25.53 -24.90 7.16
C GLY A 196 -25.97 -25.20 8.58
N TYR A 197 -26.63 -26.33 8.74
CA TYR A 197 -27.18 -26.76 10.03
C TYR A 197 -26.52 -28.06 10.47
N PRO A 198 -25.53 -28.01 11.36
CA PRO A 198 -24.80 -29.24 11.71
C PRO A 198 -25.62 -30.21 12.54
N LYS A 199 -26.19 -29.74 13.65
CA LYS A 199 -27.03 -30.58 14.50
C LYS A 199 -28.46 -30.68 13.99
N GLY A 200 -28.67 -30.37 12.72
CA GLY A 200 -30.00 -30.48 12.12
C GLY A 200 -30.88 -29.30 12.43
N HIS A 201 -31.71 -28.92 11.45
CA HIS A 201 -32.69 -27.88 11.67
C HIS A 201 -33.67 -28.29 12.77
N PRO A 202 -34.05 -27.36 13.65
CA PRO A 202 -35.03 -27.73 14.68
C PRO A 202 -36.40 -28.02 14.11
N GLU A 203 -36.71 -27.45 12.94
CA GLU A 203 -37.99 -27.71 12.28
C GLU A 203 -38.00 -29.00 11.49
N ALA A 204 -36.86 -29.66 11.32
CA ALA A 204 -36.76 -30.84 10.47
C ALA A 204 -36.98 -32.10 11.29
N GLY A 205 -37.72 -33.05 10.71
CA GLY A 205 -37.94 -34.31 11.41
C GLY A 205 -36.68 -35.15 11.54
N SER A 206 -35.90 -35.25 10.47
CA SER A 206 -34.74 -36.12 10.41
C SER A 206 -33.51 -35.34 9.95
N PHE A 207 -32.35 -35.72 10.49
CA PHE A 207 -31.12 -35.04 10.14
C PHE A 207 -30.68 -35.35 8.72
N GLU A 208 -30.86 -36.59 8.28
CA GLU A 208 -30.49 -36.95 6.92
C GLU A 208 -31.31 -36.19 5.90
N ALA A 209 -32.59 -35.96 6.19
CA ALA A 209 -33.40 -35.12 5.31
C ALA A 209 -32.85 -33.70 5.25
N ASP A 210 -32.42 -33.17 6.40
CA ASP A 210 -31.78 -31.86 6.40
C ASP A 210 -30.54 -31.86 5.52
N LEU A 211 -29.75 -32.93 5.60
CA LEU A 211 -28.56 -33.02 4.76
C LEU A 211 -28.95 -33.04 3.29
N LYS A 212 -30.00 -33.76 2.94
CA LYS A 212 -30.43 -33.80 1.53
C LYS A 212 -30.90 -32.43 1.07
N HIS A 213 -31.64 -31.71 1.91
CA HIS A 213 -32.05 -30.35 1.56
C HIS A 213 -30.84 -29.44 1.39
N LEU A 214 -29.82 -29.62 2.22
CA LEU A 214 -28.57 -28.88 2.05
C LEU A 214 -27.92 -29.25 0.72
N LYS A 215 -27.96 -30.53 0.34
CA LYS A 215 -27.50 -30.93 -0.97
C LYS A 215 -28.17 -30.10 -2.05
N GLU A 216 -29.50 -30.05 -2.02
CA GLU A 216 -30.25 -29.37 -3.06
C GLU A 216 -29.92 -27.88 -3.09
N LYS A 217 -29.87 -27.26 -1.90
CA LYS A 217 -29.60 -25.83 -1.83
C LYS A 217 -28.20 -25.50 -2.34
N VAL A 218 -27.21 -26.33 -1.99
CA VAL A 218 -25.85 -26.10 -2.47
C VAL A 218 -25.79 -26.27 -3.99
N SER A 219 -26.43 -27.32 -4.51
CA SER A 219 -26.39 -27.58 -5.94
C SER A 219 -27.19 -26.56 -6.74
N ALA A 220 -28.12 -25.85 -6.13
CA ALA A 220 -28.92 -24.88 -6.87
C ALA A 220 -28.08 -23.67 -7.30
N GLY A 221 -27.63 -22.88 -6.32
CA GLY A 221 -26.78 -21.75 -6.64
C GLY A 221 -25.73 -21.37 -5.62
N ALA A 222 -25.58 -22.18 -4.57
CA ALA A 222 -24.71 -21.80 -3.47
C ALA A 222 -23.24 -21.93 -3.84
N ASP A 223 -22.42 -21.13 -3.17
CA ASP A 223 -20.97 -21.14 -3.36
C ASP A 223 -20.21 -21.57 -2.11
N PHE A 224 -20.67 -21.14 -0.94
CA PHE A 224 -20.03 -21.49 0.33
C PHE A 224 -21.10 -21.73 1.38
N ILE A 225 -20.73 -22.52 2.38
CA ILE A 225 -21.63 -22.94 3.45
C ILE A 225 -21.06 -22.49 4.78
N ILE A 226 -21.90 -21.85 5.59
CA ILE A 226 -21.50 -21.34 6.90
C ILE A 226 -22.36 -22.03 7.95
N THR A 227 -21.71 -22.57 8.97
CA THR A 227 -22.41 -23.24 10.07
C THR A 227 -22.57 -22.29 11.27
N GLN A 228 -23.41 -22.72 12.20
CA GLN A 228 -23.73 -21.95 13.40
C GLN A 228 -22.84 -22.35 14.58
N LEU A 229 -23.29 -21.95 15.76
CA LEU A 229 -22.57 -22.20 17.01
C LEU A 229 -22.26 -23.67 17.20
N PHE A 230 -21.21 -23.92 17.98
CA PHE A 230 -20.77 -25.26 18.34
C PHE A 230 -20.25 -25.24 19.78
N PHE A 231 -20.11 -26.41 20.39
CA PHE A 231 -19.50 -26.48 21.71
C PHE A 231 -18.43 -27.56 21.76
N GLU A 232 -18.46 -28.49 20.81
CA GLU A 232 -17.46 -29.55 20.69
C GLU A 232 -16.95 -29.59 19.26
N ALA A 233 -15.63 -29.76 19.11
CA ALA A 233 -15.04 -29.81 17.77
C ALA A 233 -15.52 -31.04 17.00
N ASP A 234 -15.67 -32.17 17.69
CA ASP A 234 -16.05 -33.40 17.02
C ASP A 234 -17.34 -33.24 16.24
N THR A 235 -18.23 -32.38 16.72
CA THR A 235 -19.45 -32.10 15.97
C THR A 235 -19.12 -31.50 14.60
N PHE A 236 -18.11 -30.63 14.52
CA PHE A 236 -17.69 -30.14 13.21
C PHE A 236 -17.31 -31.29 12.29
N PHE A 237 -16.48 -32.21 12.79
CA PHE A 237 -15.94 -33.27 11.96
C PHE A 237 -17.04 -34.18 11.43
N ARG A 238 -17.99 -34.56 12.29
CA ARG A 238 -19.01 -35.52 11.88
C ARG A 238 -19.88 -34.98 10.76
N PHE A 239 -20.34 -33.74 10.89
CA PHE A 239 -21.21 -33.18 9.86
C PHE A 239 -20.41 -32.78 8.62
N VAL A 240 -19.13 -32.46 8.80
CA VAL A 240 -18.27 -32.24 7.63
C VAL A 240 -18.12 -33.52 6.84
N LYS A 241 -17.90 -34.65 7.53
CA LYS A 241 -17.80 -35.94 6.86
C LYS A 241 -19.12 -36.30 6.20
N ALA A 242 -20.25 -35.99 6.86
CA ALA A 242 -21.55 -36.21 6.23
C ALA A 242 -21.68 -35.40 4.95
N CYS A 243 -21.26 -34.13 4.99
CA CYS A 243 -21.31 -33.28 3.80
C CYS A 243 -20.47 -33.86 2.68
N THR A 244 -19.27 -34.35 3.00
CA THR A 244 -18.42 -34.94 1.98
C THR A 244 -19.06 -36.20 1.39
N ASP A 245 -19.62 -37.06 2.25
CA ASP A 245 -20.18 -38.33 1.80
C ASP A 245 -21.42 -38.17 0.96
N MET A 246 -22.04 -36.98 0.96
CA MET A 246 -23.25 -36.74 0.19
C MET A 246 -22.96 -36.06 -1.14
N GLY A 247 -21.69 -35.91 -1.52
CA GLY A 247 -21.33 -35.28 -2.76
C GLY A 247 -21.22 -33.77 -2.72
N ILE A 248 -21.45 -33.15 -1.56
CA ILE A 248 -21.27 -31.71 -1.44
C ILE A 248 -19.78 -31.40 -1.44
N THR A 249 -19.32 -30.67 -2.46
CA THR A 249 -17.91 -30.36 -2.61
C THR A 249 -17.55 -28.92 -2.27
N CYS A 250 -18.53 -28.09 -1.92
CA CYS A 250 -18.23 -26.71 -1.56
C CYS A 250 -17.49 -26.67 -0.22
N PRO A 251 -16.66 -25.65 0.00
CA PRO A 251 -15.93 -25.57 1.27
C PRO A 251 -16.81 -25.05 2.39
N ILE A 252 -16.70 -25.69 3.56
CA ILE A 252 -17.50 -25.35 4.73
C ILE A 252 -16.63 -24.54 5.68
N VAL A 253 -17.15 -23.41 6.14
CA VAL A 253 -16.44 -22.52 7.04
C VAL A 253 -17.17 -22.54 8.39
N PRO A 254 -16.46 -22.74 9.50
CA PRO A 254 -17.14 -22.80 10.79
C PRO A 254 -17.39 -21.42 11.39
N GLY A 255 -18.57 -21.25 11.98
CA GLY A 255 -18.92 -20.01 12.65
C GLY A 255 -18.72 -20.13 14.15
N ILE A 256 -18.29 -19.03 14.76
CA ILE A 256 -17.89 -19.01 16.17
C ILE A 256 -18.54 -17.81 16.84
N PHE A 257 -19.20 -18.05 17.97
CA PHE A 257 -19.71 -16.98 18.83
C PHE A 257 -18.77 -16.84 20.02
N PRO A 258 -18.06 -15.72 20.17
CA PRO A 258 -17.20 -15.56 21.36
C PRO A 258 -17.99 -15.03 22.55
N ILE A 259 -17.98 -15.77 23.66
CA ILE A 259 -18.71 -15.34 24.84
C ILE A 259 -18.00 -14.14 25.46
N GLN A 260 -18.77 -13.09 25.75
CA GLN A 260 -18.24 -11.87 26.32
C GLN A 260 -19.01 -11.37 27.54
N GLY A 261 -20.12 -12.00 27.91
CA GLY A 261 -20.90 -11.55 29.04
C GLY A 261 -21.96 -12.55 29.39
N TYR A 262 -22.70 -12.25 30.45
CA TYR A 262 -23.77 -13.14 30.90
C TYR A 262 -24.96 -13.10 29.96
N HIS A 263 -25.17 -11.96 29.30
CA HIS A 263 -26.19 -11.89 28.25
C HIS A 263 -25.80 -12.70 27.03
N SER A 264 -24.53 -13.08 26.90
CA SER A 264 -24.11 -13.91 25.77
C SER A 264 -24.81 -15.27 25.80
N LEU A 265 -24.89 -15.89 26.98
CA LEU A 265 -25.54 -17.19 27.08
C LEU A 265 -26.97 -17.13 26.60
N ARG A 266 -27.74 -16.15 27.09
CA ARG A 266 -29.10 -15.98 26.63
C ARG A 266 -29.13 -15.62 25.14
N GLN A 267 -28.22 -14.74 24.72
CA GLN A 267 -28.15 -14.38 23.31
C GLN A 267 -27.80 -15.58 22.45
N LEU A 268 -26.84 -16.40 22.90
CA LEU A 268 -26.48 -17.59 22.14
C LEU A 268 -27.65 -18.55 22.03
N VAL A 269 -28.35 -18.78 23.14
CA VAL A 269 -29.49 -19.71 23.13
C VAL A 269 -30.56 -19.19 22.19
N LYS A 270 -30.87 -17.90 22.26
CA LYS A 270 -31.90 -17.34 21.39
C LYS A 270 -31.50 -17.42 19.93
N LEU A 271 -30.24 -17.13 19.62
CA LEU A 271 -29.80 -17.09 18.23
C LEU A 271 -29.74 -18.50 17.62
N SER A 272 -29.21 -19.45 18.38
CA SER A 272 -29.01 -20.81 17.87
C SER A 272 -30.02 -21.82 18.39
N LYS A 273 -30.85 -21.46 19.37
CA LYS A 273 -31.83 -22.37 19.96
C LYS A 273 -31.17 -23.60 20.56
N LEU A 274 -29.89 -23.51 20.90
CA LEU A 274 -29.15 -24.62 21.48
C LEU A 274 -29.09 -24.49 22.99
N GLU A 275 -28.66 -25.57 23.64
CA GLU A 275 -28.55 -25.62 25.09
C GLU A 275 -27.09 -25.47 25.49
N VAL A 276 -26.82 -24.49 26.34
CA VAL A 276 -25.45 -24.28 26.82
C VAL A 276 -25.00 -25.49 27.63
N PRO A 277 -23.77 -25.96 27.47
CA PRO A 277 -23.34 -27.13 28.24
C PRO A 277 -23.25 -26.81 29.72
N GLN A 278 -23.50 -27.82 30.55
CA GLN A 278 -23.50 -27.61 32.00
C GLN A 278 -22.12 -27.19 32.50
N GLU A 279 -21.06 -27.59 31.80
CA GLU A 279 -19.72 -27.19 32.23
C GLU A 279 -19.56 -25.68 32.15
N ILE A 280 -19.95 -25.08 31.02
CA ILE A 280 -19.80 -23.64 30.85
C ILE A 280 -20.67 -22.89 31.86
N LYS A 281 -21.92 -23.34 32.04
CA LYS A 281 -22.79 -22.69 33.01
C LYS A 281 -22.22 -22.77 34.42
N ASP A 282 -21.73 -23.96 34.81
CA ASP A 282 -21.17 -24.13 36.14
C ASP A 282 -19.95 -23.24 36.33
N VAL A 283 -19.13 -23.10 35.29
CA VAL A 283 -18.00 -22.18 35.36
C VAL A 283 -18.49 -20.75 35.53
N ILE A 284 -19.57 -20.39 34.84
CA ILE A 284 -20.07 -19.02 34.89
C ILE A 284 -20.92 -18.77 36.12
N GLU A 285 -21.60 -19.81 36.62
CA GLU A 285 -22.56 -19.59 37.71
C GLU A 285 -21.94 -18.99 38.96
N PRO A 286 -20.77 -19.42 39.45
CA PRO A 286 -20.24 -18.82 40.68
C PRO A 286 -19.64 -17.43 40.45
N ILE A 287 -19.55 -16.99 39.20
CA ILE A 287 -18.95 -15.71 38.86
C ILE A 287 -20.01 -14.86 38.16
N LYS A 288 -21.26 -15.03 38.57
CA LYS A 288 -22.39 -14.50 37.80
C LYS A 288 -22.34 -12.97 37.64
N ASP A 289 -21.44 -12.28 38.33
CA ASP A 289 -21.35 -10.83 38.25
C ASP A 289 -19.93 -10.32 38.00
N ASN A 290 -19.17 -11.02 37.17
CA ASN A 290 -17.79 -10.67 36.83
C ASN A 290 -17.54 -10.78 35.32
N ASP A 291 -18.38 -10.09 34.54
CA ASP A 291 -18.31 -10.11 33.07
C ASP A 291 -16.89 -10.22 32.53
N ALA A 292 -15.97 -9.45 33.10
CA ALA A 292 -14.59 -9.47 32.62
C ALA A 292 -14.00 -10.87 32.68
N ALA A 293 -14.24 -11.59 33.78
CA ALA A 293 -13.71 -12.94 33.93
C ALA A 293 -14.30 -13.89 32.88
N ILE A 294 -15.60 -13.78 32.62
CA ILE A 294 -16.21 -14.62 31.60
C ILE A 294 -15.62 -14.30 30.24
N ARG A 295 -15.22 -13.05 30.02
CA ARG A 295 -14.56 -12.75 28.75
C ARG A 295 -13.27 -13.56 28.62
N ASN A 296 -12.47 -13.64 29.68
CA ASN A 296 -11.25 -14.44 29.62
C ASN A 296 -11.56 -15.93 29.43
N TYR A 297 -12.55 -16.43 30.18
CA TYR A 297 -12.90 -17.85 30.06
C TYR A 297 -13.39 -18.18 28.66
N GLY A 298 -14.26 -17.34 28.10
CA GLY A 298 -14.73 -17.55 26.75
C GLY A 298 -13.64 -17.42 25.71
N ILE A 299 -12.69 -16.51 25.94
CA ILE A 299 -11.56 -16.39 25.03
C ILE A 299 -10.75 -17.68 25.04
N GLU A 300 -10.50 -18.23 26.23
CA GLU A 300 -9.77 -19.50 26.30
C GLU A 300 -10.52 -20.61 25.58
N LEU A 301 -11.83 -20.73 25.84
CA LEU A 301 -12.60 -21.79 25.20
C LEU A 301 -12.63 -21.63 23.68
N ALA A 302 -12.81 -20.38 23.21
CA ALA A 302 -12.84 -20.13 21.77
C ALA A 302 -11.48 -20.41 21.14
N VAL A 303 -10.39 -20.08 21.85
CA VAL A 303 -9.05 -20.39 21.33
C VAL A 303 -8.88 -21.90 21.20
N SER A 304 -9.32 -22.65 22.21
CA SER A 304 -9.24 -24.11 22.13
C SER A 304 -10.03 -24.64 20.94
N LEU A 305 -11.26 -24.17 20.77
CA LEU A 305 -12.10 -24.64 19.68
C LEU A 305 -11.49 -24.28 18.33
N CYS A 306 -11.01 -23.05 18.19
CA CYS A 306 -10.43 -22.62 16.92
C CYS A 306 -9.16 -23.41 16.60
N GLN A 307 -8.33 -23.66 17.61
CA GLN A 307 -7.12 -24.46 17.38
C GLN A 307 -7.48 -25.87 16.94
N GLU A 308 -8.46 -26.48 17.60
CA GLU A 308 -8.88 -27.83 17.21
C GLU A 308 -9.43 -27.83 15.78
N LEU A 309 -10.17 -26.78 15.42
CA LEU A 309 -10.72 -26.70 14.07
C LEU A 309 -9.63 -26.54 13.03
N LEU A 310 -8.67 -25.65 13.29
CA LEU A 310 -7.63 -25.35 12.30
C LEU A 310 -6.65 -26.51 12.15
N ALA A 311 -6.24 -27.11 13.26
CA ALA A 311 -5.29 -28.23 13.18
C ALA A 311 -5.87 -29.41 12.41
N SER A 312 -7.19 -29.48 12.27
CA SER A 312 -7.79 -30.55 11.50
C SER A 312 -7.37 -30.52 10.04
N GLY A 313 -7.29 -29.33 9.45
CA GLY A 313 -7.00 -29.19 8.05
C GLY A 313 -8.19 -29.18 7.13
N LEU A 314 -9.39 -29.47 7.64
CA LEU A 314 -10.62 -29.38 6.86
C LEU A 314 -11.28 -28.02 6.97
N VAL A 315 -10.76 -27.13 7.80
CA VAL A 315 -11.31 -25.81 8.04
C VAL A 315 -10.44 -24.79 7.31
N PRO A 316 -10.94 -24.14 6.26
CA PRO A 316 -10.14 -23.12 5.57
C PRO A 316 -10.18 -21.74 6.22
N GLY A 317 -11.16 -21.47 7.08
CA GLY A 317 -11.26 -20.19 7.73
C GLY A 317 -12.24 -20.27 8.89
N LEU A 318 -12.52 -19.12 9.49
CA LEU A 318 -13.43 -19.03 10.61
C LEU A 318 -14.32 -17.82 10.48
N HIS A 319 -15.60 -17.98 10.81
CA HIS A 319 -16.54 -16.88 10.96
C HIS A 319 -16.76 -16.62 12.44
N PHE A 320 -16.57 -15.38 12.85
CA PHE A 320 -16.73 -14.99 14.24
C PHE A 320 -17.93 -14.07 14.36
N TYR A 321 -18.86 -14.42 15.26
CA TYR A 321 -20.05 -13.62 15.49
C TYR A 321 -19.71 -12.57 16.55
N THR A 322 -19.31 -11.39 16.08
CA THR A 322 -18.81 -10.36 16.98
C THR A 322 -19.92 -9.79 17.86
N LEU A 323 -21.14 -9.68 17.34
CA LEU A 323 -22.25 -9.06 18.07
C LEU A 323 -21.93 -7.59 18.37
N ASN A 324 -21.24 -6.94 17.44
CA ASN A 324 -20.85 -5.55 17.60
C ASN A 324 -19.98 -5.35 18.85
N ARG A 325 -19.09 -6.30 19.10
CA ARG A 325 -18.12 -6.22 20.19
C ARG A 325 -16.75 -6.60 19.66
N GLU A 326 -15.72 -5.85 20.05
CA GLU A 326 -14.41 -5.93 19.43
C GLU A 326 -13.36 -6.66 20.26
N MET A 327 -13.28 -6.39 21.55
CA MET A 327 -12.11 -6.79 22.34
C MET A 327 -11.90 -8.29 22.29
N ALA A 328 -12.94 -9.07 22.60
CA ALA A 328 -12.78 -10.52 22.68
C ALA A 328 -12.40 -11.10 21.33
N THR A 329 -13.05 -10.67 20.26
CA THR A 329 -12.75 -11.19 18.94
C THR A 329 -11.32 -10.86 18.53
N THR A 330 -10.89 -9.62 18.78
CA THR A 330 -9.54 -9.22 18.42
C THR A 330 -8.51 -10.02 19.21
N GLU A 331 -8.73 -10.21 20.51
CA GLU A 331 -7.80 -11.00 21.31
C GLU A 331 -7.76 -12.44 20.83
N VAL A 332 -8.92 -13.01 20.49
CA VAL A 332 -8.94 -14.38 19.99
C VAL A 332 -8.15 -14.49 18.70
N LEU A 333 -8.35 -13.53 17.78
CA LEU A 333 -7.62 -13.56 16.52
C LEU A 333 -6.13 -13.44 16.74
N LYS A 334 -5.72 -12.54 17.62
CA LYS A 334 -4.29 -12.37 17.90
C LYS A 334 -3.70 -13.63 18.51
N ARG A 335 -4.44 -14.27 19.42
CA ARG A 335 -3.92 -15.45 20.09
C ARG A 335 -3.72 -16.62 19.13
N LEU A 336 -4.51 -16.67 18.06
CA LEU A 336 -4.39 -17.74 17.08
C LEU A 336 -3.35 -17.43 16.01
N GLY A 337 -2.76 -16.25 16.01
CA GLY A 337 -1.76 -15.88 15.03
C GLY A 337 -2.30 -15.84 13.61
N ARG A 344 -0.73 -2.58 6.64
CA ARG A 344 0.08 -2.05 7.73
C ARG A 344 1.42 -1.46 7.24
N ARG A 345 1.97 -2.03 6.18
CA ARG A 345 3.34 -1.78 5.68
C ARG A 345 3.50 -1.36 4.20
N PRO A 346 2.59 -1.59 3.24
CA PRO A 346 2.94 -1.48 1.82
C PRO A 346 3.20 -0.04 1.34
N LEU A 347 2.64 0.95 2.04
CA LEU A 347 2.74 2.38 1.76
C LEU A 347 2.77 3.11 3.13
N PRO A 348 3.23 4.37 3.22
CA PRO A 348 3.24 5.12 4.48
C PRO A 348 1.83 5.36 5.03
N TRP A 349 0.83 5.52 4.16
CA TRP A 349 -0.56 5.35 4.52
C TRP A 349 -0.85 3.85 4.69
N ALA A 350 -1.21 3.44 5.91
CA ALA A 350 -1.14 2.04 6.36
C ALA A 350 -2.04 1.06 5.60
N LEU A 351 -3.08 1.53 4.91
CA LEU A 351 -3.94 0.71 4.05
C LEU A 351 -4.29 1.48 2.76
N SER A 352 -4.15 0.82 1.60
CA SER A 352 -4.76 1.27 0.34
C SER A 352 -6.19 0.70 0.21
N ALA A 353 -7.10 1.42 -0.43
CA ALA A 353 -8.52 1.06 -0.46
C ALA A 353 -8.81 -0.25 -1.24
N HIS A 354 -9.80 -1.03 -0.78
CA HIS A 354 -10.15 -2.35 -1.31
C HIS A 354 -10.99 -2.32 -2.61
N PRO A 355 -12.24 -1.79 -2.63
CA PRO A 355 -13.12 -1.97 -3.77
C PRO A 355 -12.68 -1.15 -4.99
N LYS A 356 -12.37 -1.84 -6.10
CA LYS A 356 -11.95 -1.24 -7.38
C LYS A 356 -10.73 -0.30 -7.27
N ARG A 357 -9.89 -0.49 -6.24
CA ARG A 357 -8.76 0.41 -5.88
C ARG A 357 -7.43 -0.30 -5.63
N ARG A 358 -7.24 -1.52 -6.14
CA ARG A 358 -5.93 -2.20 -6.15
C ARG A 358 -4.82 -1.38 -6.85
N GLU A 359 -5.20 -0.51 -7.77
CA GLU A 359 -4.31 0.40 -8.49
C GLU A 359 -3.70 1.49 -7.59
N GLU A 360 -4.37 1.96 -6.51
CA GLU A 360 -3.84 3.07 -5.73
C GLU A 360 -2.55 2.73 -4.99
N ASP A 361 -1.47 3.38 -5.41
CA ASP A 361 -0.25 3.53 -4.60
C ASP A 361 0.30 4.96 -4.56
N VAL A 362 -0.35 5.94 -5.18
CA VAL A 362 -0.07 7.37 -4.95
C VAL A 362 -1.34 8.15 -4.65
N ARG A 363 -1.32 9.02 -3.64
CA ARG A 363 -2.37 10.04 -3.40
C ARG A 363 -1.78 11.32 -2.80
N PRO A 364 -2.41 12.50 -2.99
CA PRO A 364 -1.90 13.76 -2.44
C PRO A 364 -1.80 13.75 -0.91
N ILE A 365 -0.73 14.34 -0.38
CA ILE A 365 -0.39 14.36 1.06
C ILE A 365 -1.43 15.09 1.93
N PHE A 366 -2.19 16.01 1.36
CA PHE A 366 -3.10 16.90 2.07
C PHE A 366 -4.07 16.15 2.99
N TRP A 367 -4.72 15.10 2.48
CA TRP A 367 -5.66 14.27 3.19
C TRP A 367 -5.04 13.24 4.13
N ALA A 368 -3.71 13.12 4.22
CA ALA A 368 -3.07 11.97 4.87
C ALA A 368 -3.32 11.85 6.39
N SER A 369 -3.74 12.92 7.07
CA SER A 369 -4.23 12.89 8.46
C SER A 369 -5.74 12.60 8.59
N ARG A 370 -6.44 12.36 7.47
CA ARG A 370 -7.90 12.34 7.29
C ARG A 370 -8.32 11.54 6.03
N PRO A 371 -8.00 10.24 5.90
CA PRO A 371 -8.00 9.55 4.60
C PRO A 371 -9.38 9.22 4.02
N LYS A 372 -10.39 8.96 4.86
CA LYS A 372 -11.72 8.48 4.44
C LYS A 372 -12.50 9.51 3.63
N SER A 373 -12.26 10.80 3.85
CA SER A 373 -12.82 11.85 2.98
C SER A 373 -12.21 11.83 1.58
N TYR A 374 -10.90 11.56 1.43
CA TYR A 374 -10.30 11.37 0.11
C TYR A 374 -10.95 10.20 -0.63
N ILE A 375 -11.10 9.03 0.01
CA ILE A 375 -11.75 7.86 -0.59
C ILE A 375 -13.16 8.22 -1.09
N TYR A 376 -13.98 8.84 -0.23
CA TYR A 376 -15.35 9.28 -0.51
C TYR A 376 -15.44 10.32 -1.65
N ARG A 377 -14.59 11.34 -1.63
CA ARG A 377 -14.53 12.37 -2.67
C ARG A 377 -14.04 11.82 -4.02
N THR A 378 -13.24 10.75 -4.02
CA THR A 378 -12.68 10.12 -5.23
C THR A 378 -13.43 8.87 -5.69
N GLN A 379 -14.50 8.44 -5.01
CA GLN A 379 -15.22 7.20 -5.35
C GLN A 379 -15.81 7.18 -6.79
N GLU A 380 -15.98 8.36 -7.42
CA GLU A 380 -16.40 8.50 -8.81
C GLU A 380 -15.33 8.03 -9.83
N TRP A 381 -14.05 8.00 -9.45
CA TRP A 381 -12.94 7.72 -10.35
C TRP A 381 -12.89 6.28 -10.87
N ASP A 382 -12.27 6.12 -12.04
CA ASP A 382 -11.66 4.87 -12.48
C ASP A 382 -10.12 4.96 -12.52
N GLU A 383 -9.54 6.14 -12.81
CA GLU A 383 -8.08 6.33 -12.90
C GLU A 383 -7.43 6.53 -11.53
N PHE A 384 -7.63 5.58 -10.62
CA PHE A 384 -7.00 5.53 -9.30
C PHE A 384 -5.46 5.49 -9.41
N PRO A 385 -4.71 6.55 -9.04
CA PRO A 385 -3.37 6.73 -9.59
C PRO A 385 -2.34 5.66 -9.17
N ASN A 386 -1.69 5.14 -10.20
CA ASN A 386 -0.47 4.36 -10.16
C ASN A 386 0.51 4.98 -11.17
N GLY A 387 1.79 5.03 -10.85
CA GLY A 387 2.77 5.81 -11.61
C GLY A 387 2.95 7.22 -11.08
N ARG A 388 3.70 8.05 -11.81
CA ARG A 388 3.85 9.47 -11.48
C ARG A 388 2.47 10.13 -11.53
N TRP A 389 2.07 10.80 -10.45
CA TRP A 389 0.71 11.35 -10.31
C TRP A 389 0.36 12.32 -11.44
N GLY A 390 1.34 13.04 -11.98
CA GLY A 390 1.26 13.69 -13.29
C GLY A 390 0.12 14.70 -13.41
N PHE A 397 -3.46 11.22 -12.38
CA PHE A 397 -4.23 12.14 -13.20
C PHE A 397 -5.63 12.47 -12.64
N GLY A 398 -6.09 11.73 -11.63
CA GLY A 398 -7.45 11.81 -11.10
C GLY A 398 -7.80 13.16 -10.48
N GLU A 399 -8.97 13.72 -10.80
CA GLU A 399 -9.39 15.07 -10.40
C GLU A 399 -10.58 15.07 -9.42
N LEU A 400 -10.44 15.77 -8.28
CA LEU A 400 -11.51 15.95 -7.29
C LEU A 400 -12.38 17.16 -7.68
N LYS A 401 -12.98 17.14 -8.87
CA LYS A 401 -13.93 18.18 -9.37
C LYS A 401 -15.28 18.04 -8.65
N ASP A 402 -15.25 18.31 -7.35
CA ASP A 402 -16.19 17.75 -6.36
C ASP A 402 -16.39 18.68 -5.15
N TYR A 403 -17.64 18.77 -4.68
CA TYR A 403 -18.01 19.19 -3.33
C TYR A 403 -19.29 18.46 -2.90
N TYR A 404 -19.53 18.33 -1.59
CA TYR A 404 -20.33 17.21 -1.07
C TYR A 404 -21.23 17.59 0.13
N LEU A 405 -22.24 16.75 0.38
CA LEU A 405 -22.97 16.65 1.66
C LEU A 405 -22.36 15.56 2.56
N PHE A 406 -22.48 15.73 3.89
CA PHE A 406 -21.51 15.18 4.83
C PHE A 406 -22.07 14.76 6.20
N TYR A 407 -21.32 13.91 6.89
CA TYR A 407 -21.43 13.73 8.34
C TYR A 407 -20.64 14.83 9.08
N LEU A 408 -19.34 14.98 8.75
CA LEU A 408 -18.38 15.89 9.39
C LEU A 408 -18.29 15.73 10.92
N LYS A 409 -18.46 14.50 11.43
CA LYS A 409 -18.48 14.18 12.86
C LYS A 409 -17.19 13.49 13.31
N SER A 410 -16.65 13.91 14.46
CA SER A 410 -15.54 13.21 15.12
C SER A 410 -16.00 11.91 15.79
N LYS A 411 -15.05 11.13 16.34
CA LYS A 411 -15.37 9.99 17.22
C LYS A 411 -15.93 10.40 18.59
N SER A 412 -15.69 11.64 19.03
CA SER A 412 -16.40 12.25 20.16
C SER A 412 -17.76 12.83 19.72
N PRO A 413 -18.80 12.79 20.59
CA PRO A 413 -20.12 13.33 20.27
C PRO A 413 -20.13 14.82 19.93
N LYS A 414 -21.18 15.24 19.23
CA LYS A 414 -21.37 16.50 18.49
C LYS A 414 -21.06 17.78 19.27
N GLU A 415 -21.27 17.77 20.59
CA GLU A 415 -20.99 18.90 21.50
C GLU A 415 -20.15 18.47 22.71
N GLU A 416 -19.56 17.29 22.68
CA GLU A 416 -18.83 16.73 23.82
C GLU A 416 -17.40 17.26 23.86
N LEU A 417 -16.70 17.23 22.71
CA LEU A 417 -15.34 17.75 22.53
C LEU A 417 -15.19 19.27 22.71
N LEU A 418 -16.29 20.00 22.85
CA LEU A 418 -16.29 21.40 23.25
C LEU A 418 -15.44 21.62 24.51
N LYS A 419 -15.41 20.67 25.46
CA LYS A 419 -14.57 20.77 26.67
C LYS A 419 -13.07 20.69 26.41
N MET A 420 -12.62 20.22 25.23
CA MET A 420 -11.19 20.22 24.85
C MET A 420 -10.81 21.39 23.93
N TRP A 421 -11.67 21.82 23.01
CA TRP A 421 -11.39 23.02 22.21
C TRP A 421 -11.70 24.33 22.94
N GLY A 422 -12.50 24.25 24.01
CA GLY A 422 -12.90 25.37 24.85
C GLY A 422 -14.30 25.89 24.51
N GLU A 423 -15.12 26.11 25.53
CA GLU A 423 -16.47 26.66 25.44
C GLU A 423 -16.47 28.16 25.10
N GLU A 424 -15.36 28.85 25.37
CA GLU A 424 -15.21 30.31 25.37
C GLU A 424 -13.86 30.69 24.74
N LEU A 425 -13.85 31.06 23.47
CA LEU A 425 -12.67 31.65 22.83
C LEU A 425 -12.61 33.14 23.23
N THR A 426 -11.62 33.52 24.02
CA THR A 426 -11.44 34.94 24.41
C THR A 426 -10.98 35.77 23.22
N SER A 427 -10.04 35.25 22.45
CA SER A 427 -9.35 35.88 21.32
C SER A 427 -8.63 34.82 20.49
N GLU A 428 -8.06 35.21 19.35
CA GLU A 428 -7.23 34.33 18.52
C GLU A 428 -6.07 33.72 19.30
N ALA A 429 -5.51 34.41 20.27
CA ALA A 429 -4.47 33.86 21.15
C ALA A 429 -4.94 32.69 22.04
N SER A 430 -6.24 32.44 22.17
CA SER A 430 -6.76 31.19 22.74
C SER A 430 -6.77 30.06 21.71
N VAL A 431 -7.18 30.32 20.47
CA VAL A 431 -7.09 29.37 19.34
C VAL A 431 -5.66 28.88 19.16
N PHE A 432 -4.68 29.79 19.22
CA PHE A 432 -3.28 29.44 19.04
C PHE A 432 -2.79 28.43 20.09
N GLU A 433 -3.40 28.42 21.27
CA GLU A 433 -3.07 27.40 22.27
C GLU A 433 -3.73 26.06 21.96
N VAL A 434 -4.92 25.99 21.35
CA VAL A 434 -5.54 24.70 21.06
C VAL A 434 -4.68 23.87 20.10
N PHE A 435 -4.12 24.47 19.07
CA PHE A 435 -3.15 23.79 18.19
C PHE A 435 -1.91 23.34 18.96
N VAL A 436 -1.36 24.18 19.84
CA VAL A 436 -0.14 23.87 20.57
C VAL A 436 -0.38 22.82 21.66
N LEU A 437 -1.52 22.84 22.33
CA LEU A 437 -1.96 21.84 23.30
C LEU A 437 -2.11 20.47 22.64
N TYR A 438 -2.69 20.42 21.44
CA TYR A 438 -2.72 19.20 20.63
C TYR A 438 -1.32 18.69 20.33
N LEU A 439 -0.48 19.50 19.69
CA LEU A 439 0.86 19.09 19.30
C LEU A 439 1.74 18.71 20.50
N SER A 440 1.58 19.39 21.63
CA SER A 440 2.32 19.12 22.87
C SER A 440 1.77 17.92 23.68
N GLY A 441 0.55 17.47 23.41
CA GLY A 441 -0.14 16.50 24.27
C GLY A 441 -0.41 17.06 25.68
N GLU A 442 -0.66 18.36 25.78
CA GLU A 442 -0.76 19.14 27.01
C GLU A 442 -2.24 19.42 27.33
N PRO A 443 -2.68 19.35 28.60
CA PRO A 443 -4.06 19.60 28.94
C PRO A 443 -4.48 21.04 28.80
N ASN A 444 -5.68 21.34 28.28
CA ASN A 444 -6.16 22.72 28.15
C ASN A 444 -6.33 23.41 29.53
N ARG A 445 -6.69 24.69 29.59
CA ARG A 445 -7.03 25.42 30.83
C ARG A 445 -8.11 24.73 31.67
N ASN A 446 -9.02 24.01 30.99
CA ASN A 446 -10.04 23.13 31.57
C ASN A 446 -9.47 21.84 32.21
N GLY A 447 -8.25 21.42 31.85
CA GLY A 447 -7.61 20.24 32.26
C GLY A 447 -7.80 19.04 31.39
N HIS A 448 -8.24 19.22 30.15
CA HIS A 448 -8.53 18.14 29.19
C HIS A 448 -7.52 18.15 28.05
N LYS A 449 -6.83 17.03 27.79
CA LYS A 449 -5.86 16.90 26.69
C LYS A 449 -6.59 16.87 25.35
N VAL A 450 -6.15 17.70 24.39
CA VAL A 450 -6.76 17.80 23.05
C VAL A 450 -6.44 16.55 22.23
N THR A 451 -7.46 15.79 21.82
CA THR A 451 -7.28 14.53 21.05
C THR A 451 -7.18 14.76 19.55
N CYS A 452 -7.77 15.84 19.02
CA CYS A 452 -7.79 16.15 17.60
C CYS A 452 -8.14 17.61 17.33
N LEU A 453 -8.05 18.00 16.06
CA LEU A 453 -8.55 19.26 15.52
C LEU A 453 -9.40 18.93 14.28
N PRO A 454 -10.24 19.84 13.77
CA PRO A 454 -11.11 19.58 12.62
C PRO A 454 -10.46 18.96 11.37
N TRP A 455 -9.18 19.19 11.07
CA TRP A 455 -8.52 18.67 9.85
C TRP A 455 -7.84 17.32 10.02
N ASN A 456 -7.67 16.88 11.26
CA ASN A 456 -6.72 15.85 11.64
C ASN A 456 -7.24 15.12 12.88
N ASP A 457 -8.20 14.23 12.64
CA ASP A 457 -8.96 13.50 13.65
C ASP A 457 -8.12 12.51 14.48
N GLU A 458 -6.92 12.22 13.99
CA GLU A 458 -5.89 11.37 14.59
C GLU A 458 -5.03 12.10 15.64
N PRO A 459 -4.35 11.37 16.53
CA PRO A 459 -3.11 11.84 17.11
C PRO A 459 -2.06 11.85 15.97
N LEU A 460 -1.27 12.92 15.79
CA LEU A 460 -0.36 13.00 14.65
C LEU A 460 0.76 11.93 14.69
N ALA A 461 1.29 11.60 13.52
CA ALA A 461 2.11 10.41 13.28
C ALA A 461 3.47 10.39 13.99
N ALA A 462 4.05 9.20 14.10
CA ALA A 462 5.38 8.99 14.69
C ALA A 462 6.49 9.73 13.92
N GLU A 463 6.42 9.84 12.59
CA GLU A 463 7.42 10.61 11.83
C GLU A 463 7.44 12.08 12.24
N THR A 464 6.29 12.66 12.57
CA THR A 464 6.19 14.05 13.04
C THR A 464 6.58 14.22 14.51
N SER A 465 7.03 13.17 15.20
CA SER A 465 7.76 13.35 16.47
C SER A 465 9.13 14.02 16.26
N LEU A 466 9.72 13.92 15.07
CA LEU A 466 10.94 14.63 14.70
C LEU A 466 10.71 16.16 14.61
N LEU A 467 9.48 16.54 14.26
CA LEU A 467 8.97 17.91 14.16
C LEU A 467 8.06 18.20 15.38
N LYS A 468 8.52 17.95 16.61
CA LYS A 468 7.73 18.27 17.81
C LYS A 468 8.05 19.67 18.31
N GLU A 469 9.21 19.85 18.92
CA GLU A 469 9.54 21.07 19.67
C GLU A 469 9.61 22.31 18.77
N GLU A 470 10.20 22.20 17.59
CA GLU A 470 10.23 23.30 16.63
C GLU A 470 8.85 23.62 16.07
N LEU A 471 8.03 22.60 15.78
CA LEU A 471 6.69 22.79 15.19
C LEU A 471 5.75 23.52 16.15
N LEU A 472 5.61 23.06 17.40
CA LEU A 472 4.75 23.74 18.36
C LEU A 472 5.29 25.13 18.73
N ARG A 473 6.62 25.31 18.78
CA ARG A 473 7.26 26.61 19.00
C ARG A 473 6.87 27.64 17.96
N VAL A 474 6.89 27.28 16.66
CA VAL A 474 6.51 28.23 15.61
C VAL A 474 4.99 28.37 15.48
N ASN A 475 4.24 27.35 15.89
CA ASN A 475 2.79 27.39 15.83
C ASN A 475 2.22 28.39 16.83
N ARG A 476 2.80 28.49 18.05
CA ARG A 476 2.47 29.51 19.05
C ARG A 476 2.37 30.92 18.47
N GLN A 477 3.20 31.22 17.47
CA GLN A 477 3.33 32.54 16.86
C GLN A 477 2.29 32.81 15.76
N GLY A 478 1.24 31.99 15.64
CA GLY A 478 0.14 32.19 14.69
C GLY A 478 0.32 31.46 13.36
N ILE A 479 1.29 30.56 13.26
CA ILE A 479 1.51 29.63 12.14
C ILE A 479 0.72 28.35 12.44
N LEU A 480 -0.57 28.33 12.16
CA LEU A 480 -1.45 27.25 12.59
C LEU A 480 -1.29 26.03 11.70
N THR A 481 -0.32 25.18 11.99
CA THR A 481 0.00 23.98 11.20
C THR A 481 -1.02 22.85 11.34
N ILE A 482 -1.43 22.28 10.21
CA ILE A 482 -2.46 21.22 10.10
C ILE A 482 -1.94 19.93 9.46
N ASN A 483 -0.72 19.93 8.93
CA ASN A 483 -0.06 18.79 8.28
C ASN A 483 1.45 19.13 8.17
N SER A 484 2.35 18.16 8.33
CA SER A 484 3.82 18.40 8.32
C SER A 484 4.64 17.13 8.11
N GLN A 485 5.92 17.23 7.77
CA GLN A 485 6.79 16.08 7.44
C GLN A 485 8.28 16.40 7.53
N PRO A 486 9.13 15.48 8.05
CA PRO A 486 10.59 15.62 8.06
C PRO A 486 11.23 15.36 6.70
N ASN A 487 12.37 15.99 6.39
CA ASN A 487 13.30 15.43 5.41
C ASN A 487 14.01 14.19 5.99
N ILE A 488 14.24 13.14 5.20
CA ILE A 488 14.68 11.82 5.71
C ILE A 488 16.05 11.33 5.19
N ASN A 489 16.53 11.75 4.01
CA ASN A 489 17.87 11.45 3.50
C ASN A 489 18.22 9.94 3.46
N GLY A 490 17.41 9.14 2.76
CA GLY A 490 17.76 7.77 2.35
C GLY A 490 17.94 6.76 3.49
N LYS A 491 17.05 6.79 4.50
CA LYS A 491 17.04 5.80 5.58
C LYS A 491 16.77 4.40 5.00
N PRO A 492 17.25 3.31 5.62
CA PRO A 492 16.92 1.98 5.17
C PRO A 492 15.41 1.76 5.23
N SER A 493 14.86 0.95 4.33
CA SER A 493 13.51 0.42 4.52
C SER A 493 13.43 -0.42 5.80
N SER A 494 12.22 -0.62 6.35
CA SER A 494 12.01 -1.16 7.71
C SER A 494 12.60 -0.30 8.86
N ASP A 495 12.86 0.99 8.63
CA ASP A 495 13.04 1.98 9.69
C ASP A 495 11.79 2.06 10.64
N PRO A 496 11.96 2.19 11.97
CA PRO A 496 10.85 2.15 12.92
C PRO A 496 9.72 3.19 12.73
N ILE A 497 9.98 4.33 12.08
CA ILE A 497 9.01 5.44 11.92
C ILE A 497 8.73 5.83 10.47
N VAL A 498 9.58 5.46 9.51
CA VAL A 498 9.39 5.74 8.07
C VAL A 498 9.59 4.48 7.19
N GLY A 499 9.84 3.31 7.76
CA GLY A 499 10.04 2.07 7.01
C GLY A 499 8.77 1.47 6.40
N TRP A 500 8.34 1.95 5.23
CA TRP A 500 7.28 1.37 4.40
C TRP A 500 7.83 0.60 3.18
N GLY A 501 7.00 -0.24 2.55
CA GLY A 501 7.32 -0.96 1.30
C GLY A 501 8.16 -2.22 1.53
N PRO A 502 8.71 -2.83 0.45
CA PRO A 502 9.60 -3.99 0.52
C PRO A 502 10.74 -3.81 1.53
N SER A 503 11.09 -4.85 2.29
CA SER A 503 11.92 -4.69 3.49
C SER A 503 13.38 -4.34 3.19
N GLY A 504 13.93 -4.81 2.08
CA GLY A 504 15.22 -4.35 1.55
C GLY A 504 15.03 -3.11 0.68
N GLY A 505 15.86 -2.09 0.85
CA GLY A 505 15.75 -0.83 0.10
C GLY A 505 16.01 0.39 0.97
N TYR A 506 15.65 1.56 0.46
CA TYR A 506 15.84 2.86 1.10
C TYR A 506 14.61 3.75 0.93
N VAL A 507 14.36 4.66 1.87
CA VAL A 507 13.22 5.57 1.88
C VAL A 507 13.68 7.02 2.04
N PHE A 508 13.07 7.91 1.28
CA PHE A 508 13.48 9.29 1.09
C PHE A 508 12.28 10.23 1.19
N GLN A 509 12.49 11.40 1.79
CA GLN A 509 11.44 12.41 1.99
C GLN A 509 12.01 13.82 1.96
N LYS A 510 11.25 14.77 1.42
CA LYS A 510 11.47 16.23 1.57
C LYS A 510 10.80 16.73 2.85
N ALA A 511 11.26 17.84 3.41
CA ALA A 511 10.49 18.50 4.47
C ALA A 511 9.29 19.27 3.88
N TYR A 512 8.17 19.18 4.59
CA TYR A 512 6.86 19.76 4.29
C TYR A 512 6.21 20.37 5.52
N LEU A 513 5.58 21.53 5.32
CA LEU A 513 4.83 22.26 6.33
C LEU A 513 3.59 22.91 5.73
N GLU A 514 2.45 22.78 6.38
CA GLU A 514 1.17 23.34 5.92
C GLU A 514 0.41 23.96 7.08
N PHE A 515 -0.09 25.19 6.91
CA PHE A 515 -0.68 25.96 7.99
C PHE A 515 -1.68 27.02 7.52
N PHE A 516 -2.63 27.38 8.38
CA PHE A 516 -3.28 28.69 8.27
C PHE A 516 -2.43 29.75 8.94
N THR A 517 -2.49 31.00 8.51
CA THR A 517 -1.88 32.10 9.28
C THR A 517 -2.49 33.45 8.93
N SER A 518 -2.24 34.46 9.79
CA SER A 518 -2.88 35.78 9.73
C SER A 518 -2.56 36.53 8.45
N ARG A 519 -3.35 37.57 8.12
CA ARG A 519 -3.06 38.41 6.94
C ARG A 519 -1.68 39.05 7.01
N GLU A 520 -1.25 39.57 8.17
CA GLU A 520 -0.01 40.19 8.41
C GLU A 520 1.14 39.22 8.27
N THR A 521 1.03 38.06 8.92
CA THR A 521 2.05 37.00 8.89
C THR A 521 2.19 36.38 7.51
N ALA A 522 1.09 36.19 6.78
CA ALA A 522 1.11 35.73 5.40
C ALA A 522 1.77 36.76 4.48
N GLU A 523 1.51 38.05 4.63
CA GLU A 523 2.14 39.11 3.94
C GLU A 523 3.63 39.11 4.15
N ALA A 524 4.06 38.99 5.37
CA ALA A 524 5.41 38.88 5.78
C ALA A 524 6.09 37.72 5.11
N LEU A 525 5.44 36.55 5.10
CA LEU A 525 6.01 35.34 4.52
C LEU A 525 6.19 35.47 3.01
N LEU A 526 5.19 36.04 2.32
CA LEU A 526 5.29 36.39 0.90
C LEU A 526 6.47 37.33 0.62
N GLN A 527 6.74 38.28 1.51
CA GLN A 527 7.83 39.20 1.47
C GLN A 527 9.15 38.52 1.66
N VAL A 528 9.21 37.50 2.52
CA VAL A 528 10.45 36.81 2.91
C VAL A 528 10.85 35.72 1.95
N LEU A 529 9.93 34.89 1.46
CA LEU A 529 10.27 33.65 0.77
C LEU A 529 11.17 33.83 -0.44
N LYS A 530 11.24 35.03 -1.04
CA LYS A 530 12.21 35.40 -2.08
C LYS A 530 13.66 35.05 -1.74
N LYS A 531 14.04 35.06 -0.46
CA LYS A 531 15.38 34.69 0.03
C LYS A 531 15.64 33.18 0.08
N TYR A 532 14.61 32.35 -0.12
CA TYR A 532 14.71 30.89 -0.24
C TYR A 532 14.05 30.34 -1.52
N GLU A 533 13.51 31.16 -2.42
CA GLU A 533 12.59 30.72 -3.48
C GLU A 533 13.18 29.75 -4.53
N LEU A 534 14.51 29.68 -4.66
CA LEU A 534 15.18 28.61 -5.42
C LEU A 534 15.06 27.22 -4.77
N ARG A 535 14.91 27.17 -3.45
CA ARG A 535 14.91 25.97 -2.61
C ARG A 535 13.52 25.59 -2.12
N VAL A 536 12.68 26.57 -1.79
CA VAL A 536 11.33 26.36 -1.24
C VAL A 536 10.27 26.62 -2.30
N ASN A 537 9.49 25.59 -2.63
CA ASN A 537 8.22 25.78 -3.33
C ASN A 537 7.18 26.22 -2.31
N TYR A 538 6.39 27.24 -2.63
CA TYR A 538 5.35 27.74 -1.74
C TYR A 538 4.02 27.90 -2.46
N HIS A 539 2.94 27.68 -1.73
CA HIS A 539 1.58 27.87 -2.22
C HIS A 539 0.75 28.55 -1.14
N LEU A 540 0.05 29.62 -1.48
CA LEU A 540 -0.79 30.39 -0.55
C LEU A 540 -2.13 30.71 -1.19
N VAL A 541 -3.20 30.48 -0.43
CA VAL A 541 -4.61 30.64 -0.85
C VAL A 541 -5.48 31.11 0.31
N ASN A 542 -6.65 31.65 0.00
CA ASN A 542 -7.67 32.02 0.97
C ASN A 542 -9.08 31.64 0.49
N VAL A 543 -10.08 31.75 1.36
CA VAL A 543 -11.48 31.47 1.00
C VAL A 543 -12.02 32.31 -0.16
N LYS A 544 -11.44 33.49 -0.39
CA LYS A 544 -11.80 34.39 -1.49
C LYS A 544 -11.22 33.94 -2.84
N GLY A 545 -10.36 32.93 -2.86
CA GLY A 545 -9.77 32.37 -4.08
C GLY A 545 -8.49 33.04 -4.56
N GLU A 546 -7.97 34.08 -3.88
CA GLU A 546 -6.73 34.70 -4.09
C GLU A 546 -5.63 33.66 -4.08
N ASN A 547 -5.02 33.32 -5.21
CA ASN A 547 -4.05 32.23 -5.30
C ASN A 547 -2.68 32.76 -5.74
N ILE A 548 -1.64 32.53 -4.91
CA ILE A 548 -0.25 32.86 -5.24
C ILE A 548 0.69 31.72 -4.88
N THR A 549 1.51 31.31 -5.85
CA THR A 549 2.38 30.15 -5.69
C THR A 549 3.61 30.22 -6.58
N ASN A 550 4.72 29.68 -6.08
CA ASN A 550 5.95 29.47 -6.84
C ASN A 550 6.24 27.97 -6.87
N ALA A 551 5.58 27.30 -7.82
CA ALA A 551 5.77 25.92 -8.24
C ALA A 551 5.72 25.87 -9.78
N PRO A 552 6.55 25.05 -10.46
CA PRO A 552 6.73 25.14 -11.91
C PRO A 552 5.53 24.59 -12.66
N GLU A 553 4.88 25.39 -13.51
CA GLU A 553 3.71 25.02 -14.34
C GLU A 553 2.59 24.29 -13.58
N LEU A 554 2.46 24.55 -12.27
CA LEU A 554 1.56 23.83 -11.34
C LEU A 554 1.77 22.30 -11.32
N GLN A 555 2.98 21.81 -11.61
CA GLN A 555 3.30 20.38 -11.54
C GLN A 555 3.19 19.83 -10.11
N PRO A 556 2.93 18.52 -9.92
CA PRO A 556 3.06 17.87 -8.62
C PRO A 556 4.50 17.88 -8.11
N ASN A 557 4.70 17.68 -6.82
CA ASN A 557 6.00 17.72 -6.17
C ASN A 557 6.15 16.51 -5.26
N ALA A 558 7.07 15.61 -5.60
CA ALA A 558 7.20 14.28 -5.05
C ALA A 558 7.83 14.26 -3.66
N VAL A 559 7.06 14.63 -2.64
CA VAL A 559 7.55 14.76 -1.26
C VAL A 559 8.10 13.45 -0.67
N THR A 560 7.60 12.27 -1.01
CA THR A 560 8.10 10.96 -0.52
C THR A 560 8.38 9.98 -1.65
N TRP A 561 9.46 9.21 -1.53
CA TRP A 561 9.77 8.09 -2.42
C TRP A 561 10.63 7.02 -1.75
N GLY A 562 10.73 5.85 -2.38
CA GLY A 562 11.50 4.71 -1.93
C GLY A 562 12.16 3.97 -3.09
N ILE A 563 13.32 3.39 -2.79
CA ILE A 563 14.16 2.64 -3.71
C ILE A 563 14.22 1.20 -3.21
N PHE A 564 13.77 0.22 -3.99
CA PHE A 564 13.67 -1.18 -3.54
C PHE A 564 14.28 -2.13 -4.58
N PRO A 565 15.00 -3.21 -4.18
CA PRO A 565 15.68 -4.10 -5.10
C PRO A 565 14.74 -4.67 -6.15
N GLY A 566 15.11 -4.55 -7.42
CA GLY A 566 14.35 -5.12 -8.53
C GLY A 566 13.10 -4.35 -8.96
N ARG A 567 12.67 -3.31 -8.25
CA ARG A 567 11.48 -2.51 -8.56
C ARG A 567 11.84 -1.17 -9.18
N GLU A 568 10.92 -0.59 -9.95
CA GLU A 568 10.96 0.83 -10.31
C GLU A 568 10.83 1.71 -9.06
N ILE A 569 11.11 3.01 -9.17
CA ILE A 569 11.05 3.94 -8.03
C ILE A 569 9.59 4.21 -7.65
N ILE A 570 9.28 4.15 -6.34
CA ILE A 570 7.92 4.25 -5.82
C ILE A 570 7.75 5.60 -5.09
N GLN A 571 6.71 6.38 -5.38
CA GLN A 571 6.49 7.70 -4.76
C GLN A 571 5.09 7.84 -4.12
N PRO A 572 4.86 7.31 -2.90
CA PRO A 572 3.51 7.10 -2.39
C PRO A 572 2.72 8.35 -2.00
N THR A 573 3.39 9.47 -1.72
CA THR A 573 2.73 10.74 -1.41
C THR A 573 3.36 11.88 -2.19
N VAL A 574 2.52 12.84 -2.55
CA VAL A 574 2.85 13.93 -3.46
C VAL A 574 2.15 15.20 -2.97
N VAL A 575 2.81 16.35 -3.05
CA VAL A 575 2.18 17.67 -2.92
C VAL A 575 1.70 18.08 -4.31
N ASP A 576 0.54 18.73 -4.44
CA ASP A 576 0.04 19.11 -5.75
C ASP A 576 -0.77 20.42 -5.71
N PRO A 577 -0.29 21.50 -6.33
CA PRO A 577 -0.96 22.79 -6.23
C PRO A 577 -2.34 22.84 -6.91
N VAL A 578 -2.71 21.91 -7.81
CA VAL A 578 -4.08 21.88 -8.33
C VAL A 578 -5.04 21.21 -7.35
N SER A 579 -4.75 20.02 -6.84
CA SER A 579 -5.62 19.39 -5.84
C SER A 579 -5.63 20.12 -4.50
N PHE A 580 -4.65 20.99 -4.20
CA PHE A 580 -4.78 21.91 -3.07
C PHE A 580 -5.98 22.85 -3.21
N MET A 581 -6.42 23.18 -4.42
CA MET A 581 -7.67 23.91 -4.65
C MET A 581 -8.90 23.13 -4.18
N PHE A 582 -8.86 21.80 -4.24
CA PHE A 582 -9.94 20.91 -3.81
C PHE A 582 -9.87 20.58 -2.31
N TRP A 583 -8.68 20.47 -1.74
CA TRP A 583 -8.49 20.42 -0.30
C TRP A 583 -8.84 21.74 0.38
N LYS A 584 -8.50 22.90 -0.21
CA LYS A 584 -8.74 24.24 0.34
C LYS A 584 -10.13 24.38 0.94
N ASP A 585 -11.15 24.05 0.13
CA ASP A 585 -12.55 24.22 0.51
C ASP A 585 -12.92 23.39 1.72
N GLU A 586 -12.47 22.14 1.74
CA GLU A 586 -12.62 21.24 2.88
C GLU A 586 -11.86 21.76 4.10
N ALA A 587 -10.63 22.24 3.93
CA ALA A 587 -9.82 22.75 5.03
C ALA A 587 -10.46 23.98 5.67
N PHE A 588 -10.86 24.97 4.89
CA PHE A 588 -11.51 26.15 5.46
C PHE A 588 -12.88 25.82 6.05
N ALA A 589 -13.73 25.07 5.35
CA ALA A 589 -15.06 24.73 5.85
C ALA A 589 -15.02 23.99 7.20
N LEU A 590 -13.99 23.19 7.47
CA LEU A 590 -13.81 22.53 8.76
C LEU A 590 -13.59 23.49 9.93
N TRP A 591 -13.35 24.80 9.72
CA TRP A 591 -13.48 25.81 10.78
C TRP A 591 -14.94 25.96 11.20
N ILE A 592 -15.79 26.50 10.33
CA ILE A 592 -17.18 26.78 10.68
C ILE A 592 -17.99 25.50 10.92
N GLU A 593 -17.85 24.49 10.07
CA GLU A 593 -18.74 23.33 10.05
C GLU A 593 -18.45 22.30 11.16
N GLN A 594 -17.28 22.34 11.80
CA GLN A 594 -17.02 21.55 13.02
C GLN A 594 -16.81 22.40 14.26
N TRP A 595 -16.07 23.51 14.19
CA TRP A 595 -15.71 24.30 15.37
C TRP A 595 -16.61 25.54 15.55
N GLY A 596 -16.99 26.21 14.46
CA GLY A 596 -17.90 27.36 14.53
C GLY A 596 -19.29 26.97 15.02
N LYS A 597 -19.89 25.95 14.39
CA LYS A 597 -21.20 25.39 14.75
C LYS A 597 -21.25 24.68 16.09
N LEU A 598 -20.10 24.34 16.67
CA LEU A 598 -20.01 23.87 18.05
C LEU A 598 -20.31 25.02 19.05
N TYR A 599 -20.27 26.29 18.62
CA TYR A 599 -20.75 27.46 19.38
C TYR A 599 -22.14 27.93 18.95
N GLU A 600 -22.79 28.70 19.82
CA GLU A 600 -24.09 29.33 19.57
C GLU A 600 -24.07 30.29 18.35
N GLU A 601 -25.24 30.56 17.76
CA GLU A 601 -25.37 31.15 16.42
C GLU A 601 -24.86 32.59 16.24
N GLU A 602 -24.71 33.36 17.32
CA GLU A 602 -24.17 34.73 17.29
C GLU A 602 -23.51 35.03 18.64
N SER A 603 -22.18 35.09 18.67
CA SER A 603 -21.37 35.08 19.88
C SER A 603 -19.92 35.50 19.61
N PRO A 604 -19.13 35.92 20.61
CA PRO A 604 -17.68 36.06 20.45
C PRO A 604 -17.05 34.81 19.83
N SER A 605 -17.28 33.61 20.36
CA SER A 605 -16.62 32.40 19.82
C SER A 605 -16.99 32.14 18.36
N ARG A 606 -18.27 32.30 17.97
CA ARG A 606 -18.68 32.18 16.57
C ARG A 606 -18.06 33.26 15.68
N THR A 607 -18.06 34.52 16.09
CA THR A 607 -17.52 35.62 15.26
C THR A 607 -16.00 35.57 15.15
N ILE A 608 -15.28 35.14 16.19
CA ILE A 608 -13.85 34.82 16.13
C ILE A 608 -13.59 33.76 15.06
N ILE A 609 -14.29 32.61 15.15
CA ILE A 609 -14.09 31.51 14.20
C ILE A 609 -14.49 31.93 12.79
N GLN A 610 -15.55 32.73 12.63
CA GLN A 610 -15.91 33.21 11.30
C GLN A 610 -14.87 34.20 10.75
N TYR A 611 -14.26 35.06 11.57
CA TYR A 611 -13.14 35.91 11.14
C TYR A 611 -11.91 35.09 10.73
N ILE A 612 -11.52 34.06 11.49
CA ILE A 612 -10.44 33.16 11.09
C ILE A 612 -10.78 32.51 9.75
N HIS A 613 -11.99 31.97 9.59
CA HIS A 613 -12.44 31.42 8.31
C HIS A 613 -12.37 32.46 7.18
N ASP A 614 -12.83 33.68 7.44
CA ASP A 614 -12.94 34.75 6.45
C ASP A 614 -11.59 35.27 5.92
N ASN A 615 -10.55 35.35 6.75
CA ASN A 615 -9.38 36.19 6.40
C ASN A 615 -7.99 35.56 6.61
N TYR A 616 -7.85 34.43 7.31
CA TYR A 616 -6.56 33.76 7.35
C TYR A 616 -6.21 33.20 5.97
N PHE A 617 -4.94 33.21 5.63
CA PHE A 617 -4.42 32.47 4.49
C PHE A 617 -4.20 31.02 4.89
N LEU A 618 -4.32 30.10 3.95
CA LEU A 618 -3.84 28.72 4.02
C LEU A 618 -2.59 28.63 3.17
N VAL A 619 -1.51 28.10 3.73
CA VAL A 619 -0.16 28.15 3.18
C VAL A 619 0.47 26.76 3.23
N ASN A 620 1.21 26.39 2.20
CA ASN A 620 2.02 25.18 2.18
C ASN A 620 3.42 25.49 1.66
N LEU A 621 4.45 24.91 2.28
CA LEU A 621 5.86 25.06 1.90
C LEU A 621 6.53 23.68 1.78
N VAL A 622 7.43 23.51 0.82
CA VAL A 622 8.25 22.29 0.67
C VAL A 622 9.71 22.65 0.41
N ASP A 623 10.63 22.06 1.16
CA ASP A 623 12.09 22.25 1.04
C ASP A 623 12.71 21.18 0.15
N ASN A 624 13.29 21.57 -0.98
CA ASN A 624 13.81 20.62 -1.97
C ASN A 624 15.22 20.10 -1.72
N ASP A 625 16.03 20.68 -0.82
CA ASP A 625 17.38 20.17 -0.55
C ASP A 625 17.35 19.13 0.57
N PHE A 626 16.74 17.98 0.29
CA PHE A 626 16.45 16.95 1.29
C PHE A 626 17.65 16.28 2.03
N PRO A 627 18.90 16.21 1.52
CA PRO A 627 20.01 15.68 2.31
C PRO A 627 20.62 16.71 3.28
N LEU A 628 20.26 17.99 3.13
CA LEU A 628 20.71 19.09 3.95
C LEU A 628 19.68 19.40 5.06
N ASP A 629 20.04 20.17 6.10
CA ASP A 629 19.12 20.46 7.19
C ASP A 629 17.91 21.29 6.74
N ASN A 630 16.73 21.01 7.30
CA ASN A 630 15.45 21.62 6.91
C ASN A 630 15.47 23.16 7.02
N CYS A 631 15.13 23.86 5.94
CA CYS A 631 15.03 25.32 5.92
C CYS A 631 13.65 25.86 6.30
N LEU A 632 12.62 25.01 6.45
CA LEU A 632 11.29 25.46 6.89
C LEU A 632 11.40 25.96 8.33
N TRP A 633 12.12 25.24 9.19
CA TRP A 633 12.73 25.90 10.34
C TRP A 633 13.83 26.84 9.84
N GLN A 634 13.78 28.09 10.27
CA GLN A 634 14.50 29.25 9.76
C GLN A 634 13.95 29.86 8.45
N VAL A 635 12.72 29.57 8.04
CA VAL A 635 11.97 30.50 7.15
C VAL A 635 10.81 31.16 7.86
N VAL A 636 10.07 30.45 8.71
CA VAL A 636 9.01 31.13 9.48
C VAL A 636 9.61 32.06 10.54
N GLU A 637 10.70 31.68 11.21
CA GLU A 637 11.46 32.55 12.12
C GLU A 637 12.06 33.78 11.40
N ASP A 638 12.50 33.60 10.16
CA ASP A 638 12.90 34.71 9.28
C ASP A 638 11.73 35.63 8.93
N THR A 639 10.49 35.17 9.13
CA THR A 639 9.26 35.84 8.95
C THR A 639 8.75 36.53 10.19
N LEU A 640 8.97 35.92 11.35
CA LEU A 640 8.59 36.49 12.62
C LEU A 640 9.39 37.77 12.91
N GLU A 641 10.67 37.80 12.55
CA GLU A 641 11.56 38.88 12.67
C GLU A 641 11.05 40.10 11.94
N LEU A 642 10.67 39.95 10.72
CA LEU A 642 10.18 40.94 9.85
C LEU A 642 8.99 41.68 10.41
N LEU A 643 8.15 41.06 11.15
CA LEU A 643 6.97 41.58 11.74
C LEU A 643 7.25 42.75 12.65
N ASN A 644 8.20 42.62 13.51
CA ASN A 644 8.60 43.52 14.52
C ASN A 644 9.33 44.71 13.97
N GLU B 415 38.19 -2.64 -44.99
CA GLU B 415 38.73 -3.01 -43.77
C GLU B 415 39.03 -1.82 -42.90
N GLU B 416 38.35 -1.62 -41.81
CA GLU B 416 38.48 -0.58 -40.87
C GLU B 416 38.78 -1.04 -39.46
N LEU B 417 38.05 -2.07 -39.00
CA LEU B 417 38.12 -2.54 -37.61
C LEU B 417 38.87 -3.87 -37.43
N LEU B 418 39.12 -4.65 -38.49
CA LEU B 418 39.80 -5.89 -38.45
C LEU B 418 41.13 -5.75 -37.76
N LYS B 419 42.01 -4.89 -38.26
CA LYS B 419 43.38 -4.71 -37.76
C LYS B 419 43.40 -4.15 -36.34
N MET B 420 42.33 -3.46 -35.98
CA MET B 420 42.12 -2.89 -34.66
C MET B 420 41.71 -3.99 -33.66
N TRP B 421 40.97 -5.00 -34.12
CA TRP B 421 40.59 -6.21 -33.38
C TRP B 421 41.59 -7.38 -33.55
N GLY B 422 42.63 -7.24 -34.36
CA GLY B 422 43.71 -8.23 -34.54
C GLY B 422 43.52 -9.17 -35.73
N GLU B 423 44.60 -9.40 -36.48
CA GLU B 423 44.57 -10.16 -37.74
C GLU B 423 44.29 -11.67 -37.54
N GLU B 424 44.86 -12.27 -36.49
CA GLU B 424 44.79 -13.63 -36.11
C GLU B 424 44.70 -13.83 -34.63
N LEU B 425 43.80 -14.71 -34.18
CA LEU B 425 43.54 -14.96 -32.76
C LEU B 425 44.16 -16.31 -32.38
N THR B 426 45.11 -16.31 -31.44
CA THR B 426 45.79 -17.55 -31.01
C THR B 426 44.97 -18.34 -29.99
N SER B 427 44.11 -17.66 -29.23
CA SER B 427 43.28 -18.20 -28.16
C SER B 427 42.22 -17.16 -27.77
N GLU B 428 41.37 -17.47 -26.78
CA GLU B 428 40.52 -16.48 -26.11
C GLU B 428 41.33 -15.28 -25.59
N ALA B 429 42.61 -15.41 -25.23
CA ALA B 429 43.42 -14.30 -24.77
C ALA B 429 43.53 -13.20 -25.83
N SER B 430 43.58 -13.57 -27.10
CA SER B 430 43.57 -12.63 -28.21
C SER B 430 42.22 -11.93 -28.39
N VAL B 431 41.12 -12.53 -27.92
CA VAL B 431 39.81 -11.86 -27.82
C VAL B 431 39.78 -10.92 -26.62
N PHE B 432 40.32 -11.31 -25.47
CA PHE B 432 40.41 -10.43 -24.31
C PHE B 432 41.25 -9.19 -24.62
N GLU B 433 42.36 -9.38 -25.35
CA GLU B 433 43.26 -8.33 -25.81
C GLU B 433 42.56 -7.26 -26.67
N VAL B 434 41.36 -7.50 -27.21
CA VAL B 434 40.63 -6.46 -27.96
C VAL B 434 39.84 -5.55 -27.03
N PHE B 435 39.30 -6.07 -25.93
CA PHE B 435 38.54 -5.23 -25.00
C PHE B 435 39.47 -4.29 -24.22
N VAL B 436 40.62 -4.75 -23.72
CA VAL B 436 41.50 -3.89 -22.94
C VAL B 436 42.01 -2.68 -23.74
N LEU B 437 42.25 -2.85 -25.04
CA LEU B 437 42.65 -1.76 -25.93
C LEU B 437 41.49 -0.84 -26.33
N TYR B 438 40.24 -1.18 -26.00
CA TYR B 438 39.12 -0.25 -26.07
C TYR B 438 38.92 0.47 -24.74
N LEU B 439 39.11 -0.23 -23.63
CA LEU B 439 39.04 0.31 -22.27
C LEU B 439 40.17 1.27 -21.92
N SER B 440 41.26 1.30 -22.67
CA SER B 440 42.23 2.39 -22.64
C SER B 440 42.82 2.64 -24.02
N GLY B 441 43.22 3.88 -24.31
CA GLY B 441 44.01 4.18 -25.49
C GLY B 441 45.43 3.64 -25.34
N GLU B 442 45.76 2.54 -26.02
CA GLU B 442 46.98 1.75 -25.80
C GLU B 442 47.54 1.21 -27.12
N PRO B 443 48.84 0.86 -27.16
CA PRO B 443 49.48 0.29 -28.36
C PRO B 443 48.95 -1.10 -28.74
N ASN B 444 49.23 -1.49 -29.97
CA ASN B 444 48.84 -2.76 -30.60
C ASN B 444 49.99 -3.23 -31.52
N ARG B 445 49.99 -4.49 -31.97
CA ARG B 445 51.05 -5.00 -32.88
C ARG B 445 51.20 -4.14 -34.14
N ASN B 446 50.09 -3.63 -34.67
CA ASN B 446 50.01 -2.66 -35.76
C ASN B 446 48.86 -1.67 -35.51
N GLY B 447 48.99 -0.43 -35.98
CA GLY B 447 47.89 0.55 -35.98
C GLY B 447 47.43 1.10 -34.61
N HIS B 448 48.05 0.66 -33.50
CA HIS B 448 47.75 1.08 -32.13
C HIS B 448 46.26 1.09 -31.78
N LYS B 449 45.73 2.21 -31.28
CA LYS B 449 44.46 2.31 -30.54
C LYS B 449 43.25 1.79 -31.33
N VAL B 450 42.31 1.16 -30.61
CA VAL B 450 40.97 0.80 -31.11
C VAL B 450 39.87 1.54 -30.34
N THR B 451 38.94 2.17 -31.04
CA THR B 451 37.93 3.07 -30.46
C THR B 451 36.50 2.50 -30.51
N CYS B 452 36.36 1.20 -30.80
CA CYS B 452 35.09 0.53 -31.09
C CYS B 452 35.11 -0.95 -30.68
N LEU B 453 33.94 -1.47 -30.33
CA LEU B 453 33.58 -2.89 -30.23
C LEU B 453 32.17 -3.05 -30.85
N PRO B 454 31.70 -4.25 -31.22
CA PRO B 454 30.34 -4.42 -31.74
C PRO B 454 29.25 -3.86 -30.82
N TRP B 455 29.48 -3.93 -29.51
CA TRP B 455 28.53 -3.52 -28.47
C TRP B 455 28.63 -2.03 -28.11
N ASN B 456 29.73 -1.37 -28.49
CA ASN B 456 30.18 -0.12 -27.89
C ASN B 456 30.68 0.86 -28.96
N ASP B 457 29.72 1.54 -29.59
CA ASP B 457 29.98 2.54 -30.64
C ASP B 457 30.27 3.95 -30.08
N GLU B 458 29.80 4.26 -28.87
CA GLU B 458 30.24 5.46 -28.15
C GLU B 458 31.69 5.31 -27.67
N PRO B 459 32.50 6.39 -27.65
CA PRO B 459 33.65 6.45 -26.76
C PRO B 459 33.19 6.28 -25.30
N LEU B 460 34.05 5.82 -24.39
CA LEU B 460 33.68 5.71 -22.99
C LEU B 460 33.16 7.05 -22.45
N ALA B 461 31.99 7.05 -21.84
CA ALA B 461 31.43 8.23 -21.18
C ALA B 461 32.36 8.72 -20.05
N ALA B 462 32.35 10.01 -19.72
CA ALA B 462 33.23 10.58 -18.69
C ALA B 462 33.06 9.89 -17.32
N GLU B 463 31.84 9.45 -16.99
CA GLU B 463 31.53 8.63 -15.83
C GLU B 463 32.43 7.40 -15.74
N THR B 464 32.78 6.79 -16.87
CA THR B 464 33.61 5.58 -16.91
C THR B 464 34.99 5.80 -16.29
N SER B 465 35.49 7.02 -16.27
CA SER B 465 36.78 7.35 -15.63
C SER B 465 36.81 7.04 -14.13
N LEU B 466 35.65 6.90 -13.47
CA LEU B 466 35.55 6.48 -12.07
C LEU B 466 35.94 5.00 -11.88
N LEU B 467 35.82 4.18 -12.93
CA LEU B 467 35.95 2.72 -12.89
C LEU B 467 36.78 2.12 -14.03
N LYS B 468 37.52 2.94 -14.80
CA LYS B 468 38.37 2.51 -15.93
C LYS B 468 39.42 1.48 -15.53
N GLU B 469 40.09 1.69 -14.40
CA GLU B 469 41.11 0.76 -13.91
C GLU B 469 40.50 -0.59 -13.50
N GLU B 470 39.30 -0.57 -12.93
CA GLU B 470 38.55 -1.78 -12.59
C GLU B 470 38.14 -2.56 -13.84
N LEU B 471 37.57 -1.89 -14.85
CA LEU B 471 37.22 -2.51 -16.14
C LEU B 471 38.43 -3.12 -16.84
N LEU B 472 39.58 -2.42 -16.85
CA LEU B 472 40.81 -2.99 -17.38
C LEU B 472 41.21 -4.26 -16.63
N ARG B 473 41.14 -4.29 -15.30
CA ARG B 473 41.39 -5.44 -14.51
C ARG B 473 40.45 -6.56 -14.84
N VAL B 474 39.15 -6.28 -14.92
CA VAL B 474 38.08 -7.26 -15.14
C VAL B 474 38.23 -7.94 -16.50
N ASN B 475 38.36 -7.18 -17.57
CA ASN B 475 38.48 -7.75 -18.91
C ASN B 475 39.80 -8.51 -19.12
N ARG B 476 40.90 -8.10 -18.49
CA ARG B 476 42.18 -8.81 -18.48
C ARG B 476 42.12 -10.15 -17.73
N GLN B 477 41.14 -10.37 -16.84
CA GLN B 477 40.81 -11.58 -16.21
C GLN B 477 39.80 -12.43 -16.94
N GLY B 478 39.37 -12.03 -18.15
CA GLY B 478 38.50 -12.82 -19.03
C GLY B 478 36.99 -12.60 -18.85
N ILE B 479 36.54 -11.66 -18.02
CA ILE B 479 35.12 -11.31 -17.88
C ILE B 479 34.86 -10.09 -18.74
N LEU B 480 34.14 -10.26 -19.84
CA LEU B 480 34.26 -9.36 -20.97
C LEU B 480 33.19 -8.27 -20.93
N THR B 481 33.44 -7.25 -20.12
CA THR B 481 32.51 -6.15 -19.87
C THR B 481 32.16 -5.35 -21.11
N ILE B 482 30.86 -5.11 -21.31
CA ILE B 482 30.30 -4.36 -22.44
C ILE B 482 29.40 -3.20 -22.03
N ASN B 483 29.03 -3.02 -20.76
CA ASN B 483 28.70 -1.69 -20.22
C ASN B 483 28.70 -1.69 -18.68
N SER B 484 28.72 -0.52 -18.05
CA SER B 484 28.77 -0.38 -16.60
C SER B 484 28.24 0.96 -16.10
N GLN B 485 28.02 1.07 -14.79
CA GLN B 485 27.83 2.33 -14.04
C GLN B 485 28.47 2.19 -12.65
N PRO B 486 28.87 3.29 -12.00
CA PRO B 486 29.29 3.36 -10.60
C PRO B 486 28.15 3.66 -9.60
N ASN B 487 28.38 3.42 -8.31
CA ASN B 487 27.47 3.81 -7.22
C ASN B 487 27.62 5.29 -6.88
N ILE B 488 26.65 6.13 -7.28
CA ILE B 488 26.76 7.60 -7.25
C ILE B 488 26.20 8.26 -5.99
N ASN B 489 25.10 7.78 -5.42
CA ASN B 489 24.54 8.26 -4.14
C ASN B 489 24.26 9.78 -4.08
N GLY B 490 23.56 10.33 -5.08
CA GLY B 490 23.00 11.67 -5.00
C GLY B 490 24.00 12.80 -5.23
N LYS B 491 24.56 12.90 -6.44
CA LYS B 491 25.39 14.04 -6.87
C LYS B 491 24.51 15.22 -7.27
N PRO B 492 24.99 16.47 -7.17
CA PRO B 492 24.27 17.60 -7.70
C PRO B 492 23.99 17.45 -9.18
N SER B 493 22.79 17.80 -9.63
CA SER B 493 22.38 17.71 -11.04
C SER B 493 23.33 18.39 -12.03
N SER B 494 24.04 19.43 -11.61
CA SER B 494 24.91 20.26 -12.34
C SER B 494 26.28 19.67 -12.56
N ASP B 495 26.63 18.60 -11.97
CA ASP B 495 27.86 17.93 -12.04
C ASP B 495 28.22 17.63 -13.48
N PRO B 496 29.39 18.04 -14.03
CA PRO B 496 29.78 17.71 -15.39
C PRO B 496 30.09 16.21 -15.64
N ILE B 497 30.45 15.42 -14.63
CA ILE B 497 30.66 13.97 -14.84
C ILE B 497 29.32 13.24 -14.84
N VAL B 498 28.56 13.31 -13.74
CA VAL B 498 27.25 12.64 -13.56
C VAL B 498 26.18 13.66 -13.19
N GLY B 499 25.49 14.19 -14.18
CA GLY B 499 24.46 15.20 -13.97
C GLY B 499 23.57 15.42 -15.19
N TRP B 500 22.27 15.59 -14.97
CA TRP B 500 21.25 15.80 -15.99
C TRP B 500 19.97 16.36 -15.35
N GLY B 501 19.04 16.87 -16.16
CA GLY B 501 17.85 17.46 -15.82
C GLY B 501 17.89 18.84 -15.34
N PRO B 502 16.84 19.34 -14.70
CA PRO B 502 16.86 20.67 -14.14
C PRO B 502 17.99 20.91 -13.18
N SER B 503 18.53 22.07 -13.10
CA SER B 503 19.57 22.48 -12.25
C SER B 503 19.17 22.47 -10.80
N GLY B 504 20.14 22.30 -9.91
CA GLY B 504 19.99 22.38 -8.45
C GLY B 504 19.52 21.10 -7.77
N GLY B 505 18.85 20.21 -8.51
CA GLY B 505 18.40 18.91 -8.01
C GLY B 505 19.51 17.90 -7.75
N TYR B 506 19.14 16.64 -7.62
CA TYR B 506 20.04 15.52 -7.35
C TYR B 506 19.91 14.42 -8.39
N VAL B 507 20.99 13.67 -8.61
CA VAL B 507 21.06 12.54 -9.52
C VAL B 507 21.68 11.34 -8.80
N PHE B 508 21.09 10.17 -8.99
CA PHE B 508 21.40 8.92 -8.30
C PHE B 508 21.63 7.80 -9.32
N GLN B 509 22.37 6.77 -8.92
CA GLN B 509 22.57 5.56 -9.72
C GLN B 509 22.74 4.33 -8.83
N LYS B 510 22.41 3.16 -9.38
CA LYS B 510 22.91 1.85 -8.96
C LYS B 510 24.06 1.44 -9.87
N ALA B 511 25.10 0.83 -9.33
CA ALA B 511 26.13 0.24 -10.16
C ALA B 511 25.57 -0.89 -11.01
N TYR B 512 26.17 -1.05 -12.18
CA TYR B 512 25.69 -1.88 -13.26
C TYR B 512 26.91 -2.54 -13.89
N LEU B 513 26.83 -3.80 -14.31
CA LEU B 513 27.96 -4.49 -14.96
C LEU B 513 27.46 -5.58 -15.91
N GLU B 514 27.39 -5.28 -17.20
CA GLU B 514 26.93 -6.20 -18.23
C GLU B 514 28.12 -6.74 -19.04
N PHE B 515 28.21 -8.06 -19.25
CA PHE B 515 29.40 -8.71 -19.81
C PHE B 515 29.12 -10.08 -20.42
N PHE B 516 30.03 -10.62 -21.22
CA PHE B 516 30.03 -12.04 -21.57
C PHE B 516 31.07 -12.79 -20.75
N THR B 517 30.92 -14.10 -20.59
CA THR B 517 32.02 -14.94 -20.09
C THR B 517 32.14 -16.25 -20.84
N SER B 518 33.34 -16.81 -20.77
CA SER B 518 33.57 -18.22 -21.07
C SER B 518 32.56 -19.08 -20.30
N ARG B 519 32.05 -20.14 -20.94
CA ARG B 519 31.01 -21.02 -20.41
C ARG B 519 31.33 -21.55 -19.01
N GLU B 520 32.57 -21.95 -18.76
CA GLU B 520 33.03 -22.43 -17.46
C GLU B 520 32.89 -21.38 -16.35
N THR B 521 32.97 -20.09 -16.69
CA THR B 521 32.90 -18.97 -15.76
C THR B 521 31.48 -18.68 -15.28
N ALA B 522 30.44 -19.00 -16.05
CA ALA B 522 29.05 -18.78 -15.64
C ALA B 522 28.71 -19.62 -14.39
N GLU B 523 29.17 -20.87 -14.33
CA GLU B 523 29.10 -21.70 -13.13
C GLU B 523 29.72 -20.99 -11.93
N ALA B 524 30.90 -20.41 -12.09
CA ALA B 524 31.62 -19.72 -11.09
C ALA B 524 30.85 -18.53 -10.58
N LEU B 525 30.26 -17.79 -11.50
CA LEU B 525 29.47 -16.61 -11.18
C LEU B 525 28.22 -16.98 -10.37
N LEU B 526 27.45 -17.98 -10.82
CA LEU B 526 26.28 -18.48 -10.08
C LEU B 526 26.67 -18.99 -8.69
N GLN B 527 27.82 -19.62 -8.52
CA GLN B 527 28.30 -20.09 -7.28
C GLN B 527 28.51 -18.97 -6.29
N VAL B 528 29.23 -17.92 -6.71
CA VAL B 528 29.55 -16.78 -5.82
C VAL B 528 28.32 -15.90 -5.57
N LEU B 529 27.39 -15.82 -6.51
CA LEU B 529 26.11 -15.14 -6.29
C LEU B 529 25.29 -15.79 -5.16
N LYS B 530 25.52 -17.05 -4.78
CA LYS B 530 24.82 -17.70 -3.64
C LYS B 530 24.90 -16.91 -2.32
N LYS B 531 25.92 -16.06 -2.14
CA LYS B 531 26.00 -15.12 -1.01
C LYS B 531 25.52 -13.70 -1.31
N TYR B 532 25.60 -13.22 -2.55
CA TYR B 532 25.22 -11.85 -2.94
C TYR B 532 23.81 -11.73 -3.57
N GLU B 533 23.07 -12.83 -3.71
CA GLU B 533 21.76 -12.90 -4.38
C GLU B 533 20.62 -12.11 -3.72
N LEU B 534 20.85 -11.45 -2.59
CA LEU B 534 19.95 -10.42 -2.06
C LEU B 534 20.27 -9.04 -2.68
N ARG B 535 21.54 -8.60 -2.59
CA ARG B 535 22.04 -7.30 -3.04
C ARG B 535 22.13 -7.18 -4.56
N VAL B 536 22.66 -8.18 -5.23
CA VAL B 536 22.95 -8.15 -6.67
C VAL B 536 21.81 -8.79 -7.44
N ASN B 537 21.08 -8.01 -8.24
CA ASN B 537 20.18 -8.56 -9.25
C ASN B 537 21.06 -9.08 -10.39
N TYR B 538 20.88 -10.34 -10.77
CA TYR B 538 21.69 -11.01 -11.80
C TYR B 538 20.84 -11.70 -12.84
N HIS B 539 21.37 -11.84 -14.05
CA HIS B 539 20.66 -12.45 -15.15
C HIS B 539 21.65 -13.01 -16.17
N LEU B 540 21.71 -14.33 -16.34
CA LEU B 540 22.61 -15.04 -17.24
C LEU B 540 21.82 -15.66 -18.39
N VAL B 541 22.34 -15.63 -19.61
CA VAL B 541 21.66 -16.23 -20.76
C VAL B 541 22.61 -16.69 -21.88
N ASN B 542 22.55 -17.98 -22.26
CA ASN B 542 23.23 -18.53 -23.45
C ASN B 542 22.45 -18.23 -24.74
N VAL B 543 23.06 -18.36 -25.92
CA VAL B 543 22.50 -17.87 -27.21
C VAL B 543 21.08 -18.37 -27.47
N LYS B 544 20.94 -19.69 -27.53
CA LYS B 544 19.72 -20.36 -27.96
C LYS B 544 18.62 -20.33 -26.90
N GLY B 545 18.95 -19.94 -25.66
CA GLY B 545 18.14 -19.90 -24.55
C GLY B 545 18.43 -20.75 -23.37
N GLU B 546 18.93 -20.17 -22.28
CA GLU B 546 19.22 -20.87 -21.04
C GLU B 546 19.29 -19.83 -19.92
N ASN B 547 18.13 -19.52 -19.37
CA ASN B 547 17.83 -18.23 -18.76
C ASN B 547 17.77 -18.34 -17.24
N ILE B 548 18.72 -17.76 -16.51
CA ILE B 548 18.81 -17.87 -15.03
C ILE B 548 18.86 -16.49 -14.38
N THR B 549 18.04 -16.24 -13.36
CA THR B 549 18.00 -14.93 -12.70
C THR B 549 17.42 -15.00 -11.28
N ASN B 550 17.76 -14.04 -10.42
CA ASN B 550 17.04 -13.75 -9.18
C ASN B 550 16.12 -12.51 -9.29
N ALA B 551 16.01 -11.90 -10.45
CA ALA B 551 15.14 -10.74 -10.67
C ALA B 551 13.68 -11.07 -10.31
N PRO B 552 12.88 -10.10 -9.84
CA PRO B 552 11.43 -10.24 -9.88
C PRO B 552 11.01 -10.64 -11.28
N GLU B 553 10.12 -11.61 -11.37
CA GLU B 553 9.65 -12.35 -12.48
C GLU B 553 9.42 -11.50 -13.69
N LEU B 554 8.86 -10.34 -13.54
CA LEU B 554 8.36 -9.45 -14.52
C LEU B 554 8.83 -8.03 -14.52
N GLN B 555 9.06 -7.50 -13.31
CA GLN B 555 9.18 -6.06 -13.03
C GLN B 555 10.55 -5.48 -13.42
N PRO B 556 10.61 -4.29 -14.04
CA PRO B 556 11.85 -3.57 -14.28
C PRO B 556 12.55 -3.07 -13.02
N ASN B 557 13.88 -3.01 -13.04
CA ASN B 557 14.71 -2.41 -11.99
C ASN B 557 15.21 -1.04 -12.45
N ALA B 558 14.91 0.03 -11.70
CA ALA B 558 15.44 1.36 -11.99
C ALA B 558 16.89 1.47 -11.54
N VAL B 559 17.77 2.03 -12.37
CA VAL B 559 19.21 2.13 -12.10
C VAL B 559 19.81 3.53 -12.22
N THR B 560 19.08 4.49 -12.80
CA THR B 560 19.45 5.91 -12.78
C THR B 560 18.18 6.74 -12.70
N TRP B 561 18.08 7.60 -11.70
CA TRP B 561 16.91 8.41 -11.38
C TRP B 561 17.35 9.74 -10.75
N GLY B 562 16.46 10.72 -10.72
CA GLY B 562 16.77 12.08 -10.30
C GLY B 562 15.58 12.85 -9.78
N ILE B 563 15.84 13.76 -8.87
CA ILE B 563 14.88 14.50 -8.05
C ILE B 563 15.14 15.99 -8.21
N PHE B 564 14.13 16.76 -8.61
CA PHE B 564 14.32 18.12 -9.10
C PHE B 564 13.37 19.12 -8.43
N PRO B 565 13.82 20.35 -8.14
CA PRO B 565 13.09 21.26 -7.28
C PRO B 565 11.70 21.59 -7.82
N GLY B 566 10.66 21.28 -7.04
CA GLY B 566 9.25 21.48 -7.41
C GLY B 566 8.68 20.50 -8.44
N ARG B 567 9.26 19.31 -8.65
CA ARG B 567 8.89 18.41 -9.77
C ARG B 567 8.71 16.95 -9.37
N GLU B 568 8.10 16.18 -10.26
CA GLU B 568 8.02 14.72 -10.24
C GLU B 568 9.39 14.04 -10.42
N ILE B 569 9.57 12.84 -9.85
CA ILE B 569 10.82 12.06 -9.96
C ILE B 569 10.98 11.51 -11.37
N ILE B 570 12.13 11.78 -11.97
CA ILE B 570 12.48 11.35 -13.32
C ILE B 570 13.34 10.09 -13.21
N GLN B 571 13.08 9.09 -14.06
CA GLN B 571 13.74 7.79 -14.02
C GLN B 571 14.18 7.37 -15.44
N PRO B 572 15.30 7.90 -15.96
CA PRO B 572 15.68 7.70 -17.35
C PRO B 572 16.28 6.33 -17.67
N THR B 573 16.94 5.65 -16.73
CA THR B 573 17.60 4.35 -17.02
C THR B 573 17.02 3.25 -16.17
N VAL B 574 16.53 2.21 -16.82
CA VAL B 574 15.88 1.03 -16.23
C VAL B 574 16.34 -0.24 -16.95
N VAL B 575 16.57 -1.33 -16.22
CA VAL B 575 16.99 -2.63 -16.79
C VAL B 575 16.13 -3.77 -16.26
N ASP B 576 15.70 -4.67 -17.12
CA ASP B 576 14.59 -5.59 -16.81
C ASP B 576 14.68 -6.91 -17.58
N PRO B 577 14.09 -8.00 -17.07
CA PRO B 577 14.30 -9.33 -17.63
C PRO B 577 13.71 -9.51 -19.02
N VAL B 578 12.61 -8.83 -19.37
CA VAL B 578 12.00 -8.97 -20.70
C VAL B 578 12.83 -8.26 -21.77
N SER B 579 13.24 -7.01 -21.56
CA SER B 579 14.07 -6.25 -22.42
C SER B 579 15.43 -6.87 -22.58
N PHE B 580 15.98 -7.44 -21.50
CA PHE B 580 17.26 -8.14 -21.57
C PHE B 580 17.15 -9.40 -22.43
N MET B 581 16.10 -10.21 -22.24
CA MET B 581 15.84 -11.37 -23.09
C MET B 581 15.56 -11.00 -24.55
N PHE B 582 15.07 -9.79 -24.84
CA PHE B 582 14.98 -9.34 -26.22
C PHE B 582 16.35 -8.91 -26.78
N TRP B 583 17.05 -8.02 -26.05
CA TRP B 583 18.38 -7.51 -26.43
C TRP B 583 19.38 -8.62 -26.71
N LYS B 584 19.32 -9.72 -25.93
CA LYS B 584 20.15 -10.92 -26.11
C LYS B 584 20.22 -11.41 -27.55
N ASP B 585 19.13 -11.30 -28.32
CA ASP B 585 19.09 -11.76 -29.72
C ASP B 585 19.95 -10.91 -30.66
N GLU B 586 20.23 -9.65 -30.33
CA GLU B 586 21.28 -8.87 -30.98
C GLU B 586 22.63 -9.07 -30.27
N ALA B 587 22.61 -9.15 -28.93
CA ALA B 587 23.81 -9.24 -28.10
C ALA B 587 24.68 -10.47 -28.40
N PHE B 588 24.14 -11.53 -29.01
CA PHE B 588 24.99 -12.56 -29.58
C PHE B 588 25.24 -12.38 -31.06
N ALA B 589 24.24 -11.98 -31.85
CA ALA B 589 24.37 -11.96 -33.31
C ALA B 589 25.61 -11.20 -33.82
N LEU B 590 25.96 -10.06 -33.22
CA LEU B 590 27.08 -9.25 -33.72
C LEU B 590 28.48 -9.78 -33.35
N TRP B 591 28.61 -10.79 -32.47
CA TRP B 591 29.83 -11.59 -32.40
C TRP B 591 30.14 -12.22 -33.75
N ILE B 592 29.12 -12.60 -34.53
CA ILE B 592 29.31 -13.06 -35.89
C ILE B 592 29.19 -11.91 -36.88
N GLU B 593 28.07 -11.18 -36.87
CA GLU B 593 27.71 -10.21 -37.91
C GLU B 593 28.72 -9.06 -38.06
N GLN B 594 29.28 -8.56 -36.95
CA GLN B 594 30.37 -7.58 -37.00
C GLN B 594 31.75 -8.24 -36.94
N TRP B 595 32.07 -8.96 -35.86
CA TRP B 595 33.44 -9.47 -35.66
C TRP B 595 33.71 -10.72 -36.49
N GLY B 596 32.97 -11.82 -36.27
CA GLY B 596 33.32 -13.13 -36.81
C GLY B 596 33.38 -13.20 -38.33
N LYS B 597 32.47 -12.49 -39.02
CA LYS B 597 32.42 -12.39 -40.49
C LYS B 597 33.67 -11.78 -41.13
N LEU B 598 34.56 -11.17 -40.35
CA LEU B 598 35.88 -10.71 -40.83
C LEU B 598 36.83 -11.87 -41.18
N TYR B 599 36.73 -13.00 -40.49
CA TYR B 599 37.63 -14.14 -40.65
C TYR B 599 37.14 -15.15 -41.69
N GLU B 600 38.03 -16.01 -42.19
CA GLU B 600 37.84 -17.03 -43.13
C GLU B 600 36.97 -18.13 -42.58
N GLU B 601 36.28 -18.86 -43.39
CA GLU B 601 35.41 -19.91 -43.06
C GLU B 601 36.08 -20.96 -42.23
N GLU B 602 35.66 -21.19 -40.99
CA GLU B 602 36.26 -22.16 -40.06
C GLU B 602 37.80 -22.07 -39.92
N SER B 603 38.39 -20.90 -40.18
CA SER B 603 39.77 -20.58 -39.81
C SER B 603 39.94 -20.59 -38.29
N PRO B 604 41.14 -20.74 -37.72
CA PRO B 604 41.32 -20.82 -36.27
C PRO B 604 40.75 -19.61 -35.51
N SER B 605 40.82 -18.41 -36.09
CA SER B 605 40.14 -17.22 -35.57
C SER B 605 38.62 -17.38 -35.62
N ARG B 606 38.02 -17.73 -36.77
CA ARG B 606 36.58 -17.98 -36.86
C ARG B 606 36.14 -19.06 -35.89
N THR B 607 36.89 -20.14 -35.76
CA THR B 607 36.60 -21.24 -34.83
C THR B 607 36.58 -20.76 -33.38
N ILE B 608 37.59 -20.01 -32.93
CA ILE B 608 37.57 -19.52 -31.54
C ILE B 608 36.45 -18.48 -31.36
N ILE B 609 36.16 -17.64 -32.35
CA ILE B 609 34.98 -16.77 -32.32
C ILE B 609 33.68 -17.57 -32.28
N GLN B 610 33.52 -18.67 -33.03
CA GLN B 610 32.29 -19.46 -33.00
C GLN B 610 32.11 -20.16 -31.65
N TYR B 611 33.20 -20.67 -31.07
CA TYR B 611 33.23 -21.18 -29.70
C TYR B 611 32.97 -20.09 -28.65
N ILE B 612 33.00 -18.80 -29.03
CA ILE B 612 32.67 -17.65 -28.18
C ILE B 612 31.26 -17.11 -28.48
N HIS B 613 30.77 -17.29 -29.70
CA HIS B 613 29.40 -16.96 -30.06
C HIS B 613 28.45 -17.95 -29.42
N ASP B 614 28.44 -19.20 -29.89
CA ASP B 614 27.69 -20.27 -29.27
C ASP B 614 28.27 -20.59 -27.90
N ASN B 615 27.52 -21.31 -27.06
CA ASN B 615 28.05 -21.90 -25.82
C ASN B 615 28.80 -20.91 -24.91
N TYR B 616 28.23 -19.71 -24.72
CA TYR B 616 28.87 -18.60 -24.01
C TYR B 616 27.80 -17.74 -23.36
N PHE B 617 27.99 -17.29 -22.13
CA PHE B 617 26.91 -16.65 -21.38
C PHE B 617 27.05 -15.16 -21.44
N LEU B 618 26.00 -14.48 -21.90
CA LEU B 618 25.77 -13.07 -21.63
C LEU B 618 25.28 -12.95 -20.20
N VAL B 619 25.70 -11.91 -19.52
CA VAL B 619 25.43 -11.71 -18.12
C VAL B 619 25.08 -10.26 -17.89
N ASN B 620 24.17 -10.03 -16.96
CA ASN B 620 23.90 -8.73 -16.40
C ASN B 620 24.01 -8.81 -14.88
N LEU B 621 24.53 -7.78 -14.24
CA LEU B 621 24.50 -7.57 -12.81
C LEU B 621 24.10 -6.12 -12.49
N VAL B 622 23.30 -5.90 -11.44
CA VAL B 622 23.01 -4.59 -10.83
C VAL B 622 23.26 -4.69 -9.34
N ASP B 623 24.01 -3.78 -8.75
CA ASP B 623 24.17 -3.69 -7.30
C ASP B 623 23.15 -2.70 -6.75
N ASN B 624 22.14 -3.18 -6.04
CA ASN B 624 21.06 -2.33 -5.56
C ASN B 624 21.45 -1.41 -4.39
N ASP B 625 22.50 -1.70 -3.63
CA ASP B 625 22.81 -1.01 -2.38
C ASP B 625 23.71 0.22 -2.58
N PHE B 626 23.28 1.14 -3.44
CA PHE B 626 24.09 2.25 -3.92
C PHE B 626 24.76 3.19 -2.87
N PRO B 627 24.28 3.45 -1.65
CA PRO B 627 25.06 4.24 -0.70
C PRO B 627 26.37 3.55 -0.26
N LEU B 628 26.53 2.25 -0.53
CA LEU B 628 27.75 1.48 -0.27
C LEU B 628 28.72 1.51 -1.47
N ASP B 629 29.99 1.17 -1.26
CA ASP B 629 30.94 0.98 -2.35
C ASP B 629 30.53 -0.21 -3.25
N ASN B 630 30.77 -0.08 -4.55
CA ASN B 630 30.30 -1.01 -5.56
C ASN B 630 30.88 -2.42 -5.35
N CYS B 631 30.01 -3.41 -5.12
CA CYS B 631 30.41 -4.80 -4.88
C CYS B 631 30.66 -5.61 -6.16
N LEU B 632 30.29 -5.13 -7.36
CA LEU B 632 30.38 -5.92 -8.59
C LEU B 632 31.83 -6.35 -8.88
N TRP B 633 32.81 -5.54 -8.51
CA TRP B 633 34.22 -5.93 -8.61
C TRP B 633 34.57 -7.10 -7.71
N GLN B 634 33.95 -7.20 -6.54
CA GLN B 634 34.17 -8.34 -5.64
C GLN B 634 33.48 -9.60 -6.15
N VAL B 635 32.29 -9.47 -6.77
CA VAL B 635 31.65 -10.60 -7.46
C VAL B 635 32.62 -11.22 -8.46
N VAL B 636 33.19 -10.38 -9.35
CA VAL B 636 34.14 -10.85 -10.36
C VAL B 636 35.43 -11.37 -9.72
N GLU B 637 36.01 -10.67 -8.74
CA GLU B 637 37.21 -11.18 -8.06
C GLU B 637 36.98 -12.57 -7.46
N ASP B 638 35.86 -12.78 -6.77
CA ASP B 638 35.49 -14.08 -6.23
C ASP B 638 35.17 -15.10 -7.31
N THR B 639 34.57 -14.68 -8.44
CA THR B 639 34.38 -15.56 -9.60
C THR B 639 35.71 -16.13 -10.07
N LEU B 640 36.73 -15.28 -10.19
CA LEU B 640 38.06 -15.59 -10.56
C LEU B 640 38.71 -16.51 -9.56
N GLU B 641 38.63 -16.20 -8.31
CA GLU B 641 39.17 -16.93 -7.23
C GLU B 641 38.63 -18.33 -7.17
N LEU B 642 37.36 -18.50 -7.29
CA LEU B 642 36.66 -19.72 -7.34
C LEU B 642 37.11 -20.57 -8.49
N LEU B 643 37.18 -19.99 -9.69
CA LEU B 643 37.67 -20.70 -10.90
C LEU B 643 39.11 -21.19 -10.74
N ASN B 644 39.94 -20.41 -10.05
CA ASN B 644 41.31 -20.62 -9.82
C ASN B 644 41.59 -21.70 -8.80
PA FAD C . -33.27 -23.59 5.13
O1A FAD C . -31.85 -23.94 4.86
O2A FAD C . -33.94 -23.59 3.83
O5B FAD C . -33.83 -24.58 6.27
C5B FAD C . -35.09 -24.40 6.95
C4B FAD C . -35.87 -25.75 6.93
O4B FAD C . -36.25 -25.96 5.56
C3B FAD C . -35.06 -27.02 7.32
O3B FAD C . -35.49 -27.52 8.61
C2B FAD C . -35.32 -28.02 6.16
O2B FAD C . -35.65 -29.36 6.60
C1B FAD C . -36.43 -27.36 5.30
N9A FAD C . -36.26 -27.57 3.87
C8A FAD C . -35.31 -26.93 3.05
N7A FAD C . -35.37 -27.35 1.77
C5A FAD C . -36.38 -28.26 1.82
C6A FAD C . -36.90 -29.05 0.79
N6A FAD C . -36.41 -29.00 -0.48
N1A FAD C . -37.89 -29.89 0.95
C2A FAD C . -38.40 -29.94 2.19
N3A FAD C . -37.98 -29.23 3.27
C4A FAD C . -36.94 -28.40 3.05
N1 FAD C . -31.90 -14.94 9.69
C2 FAD C . -32.36 -13.70 9.25
O2 FAD C . -33.51 -13.34 9.43
N3 FAD C . -31.44 -12.91 8.62
C4 FAD C . -30.12 -13.25 8.38
O4 FAD C . -29.37 -12.43 7.82
C4X FAD C . -29.69 -14.62 8.86
N5 FAD C . -28.43 -14.98 8.65
C5X FAD C . -28.09 -16.20 9.13
C6 FAD C . -26.76 -16.59 8.89
C7 FAD C . -26.28 -17.84 9.28
C7M FAD C . -24.81 -18.15 8.99
C8 FAD C . -27.15 -18.71 9.96
C8M FAD C . -26.69 -20.09 10.43
C9 FAD C . -28.49 -18.32 10.21
C9A FAD C . -28.97 -17.05 9.81
N10 FAD C . -30.32 -16.65 10.06
C10 FAD C . -30.66 -15.40 9.50
C1' FAD C . -31.28 -17.56 10.67
C2' FAD C . -31.75 -18.62 9.65
O2' FAD C . -32.30 -18.00 8.49
C3' FAD C . -32.71 -19.62 10.33
O3' FAD C . -32.01 -20.82 10.67
C4' FAD C . -34.04 -19.94 9.57
O4' FAD C . -34.96 -20.49 10.53
C5' FAD C . -33.91 -20.90 8.33
O5' FAD C . -33.05 -20.36 7.29
P FAD C . -32.24 -21.42 6.40
O1P FAD C . -31.55 -20.75 5.25
O2P FAD C . -31.25 -22.13 7.25
O3P FAD C . -33.45 -22.25 5.92
H51A FAD C . -34.92 -24.08 7.99
H52A FAD C . -35.70 -23.63 6.48
H4B FAD C . -36.76 -25.67 7.57
H3B FAD C . -33.98 -26.80 7.34
HO3A FAD C . -35.18 -28.44 8.70
H2B FAD C . -34.42 -28.05 5.53
HO2A FAD C . -34.84 -29.81 6.89
H1B FAD C . -37.44 -27.68 5.60
H8A FAD C . -34.63 -26.19 3.44
H61A FAD C . -36.90 -29.54 -1.19
H62A FAD C . -35.69 -28.33 -0.70
H2A FAD C . -39.22 -30.64 2.35
HN3 FAD C . -31.77 -12.00 8.30
H6 FAD C . -26.10 -15.90 8.36
HM71 FAD C . -24.17 -17.89 9.84
HM72 FAD C . -24.63 -19.22 8.76
HM73 FAD C . -24.44 -17.59 8.13
HM81 FAD C . -26.78 -20.86 9.65
HM82 FAD C . -25.65 -20.09 10.77
HM83 FAD C . -27.29 -20.44 11.29
H9 FAD C . -29.12 -19.03 10.73
H1'1 FAD C . -30.83 -18.04 11.55
H1'2 FAD C . -32.15 -16.99 11.07
H2' FAD C . -30.86 -19.17 9.34
HO2' FAD C . -32.51 -18.74 7.89
H3' FAD C . -33.05 -19.13 11.26
HO3' FAD C . -32.66 -21.44 11.05
H4' FAD C . -34.46 -18.99 9.20
HO4' FAD C . -35.67 -20.94 10.04
H5'1 FAD C . -33.58 -21.88 8.67
H5'2 FAD C . -34.91 -21.01 7.91
N SAH D . 2.96 10.42 5.91
CA SAH D . 3.06 10.85 4.54
CB SAH D . 3.17 12.35 4.56
CG SAH D . 2.83 13.17 5.78
SD SAH D . 1.15 12.97 5.91
C SAH D . 4.25 10.24 3.84
O SAH D . 5.41 10.71 3.73
OXT SAH D . 3.80 9.19 3.45
C5' SAH D . 0.83 14.55 6.61
C4' SAH D . 1.32 14.70 8.11
O4' SAH D . 0.58 15.70 8.78
C3' SAH D . 1.01 13.50 8.96
O3' SAH D . 2.24 12.90 9.36
C2' SAH D . 0.18 14.03 10.12
O2' SAH D . 0.53 13.34 11.30
C1' SAH D . 0.58 15.47 10.16
N9 SAH D . -0.34 16.39 10.94
C8 SAH D . -1.64 16.20 11.25
N7 SAH D . -2.15 17.23 11.97
C5 SAH D . -1.16 18.11 12.15
C6 SAH D . -1.04 19.42 12.83
N6 SAH D . -2.09 19.97 13.46
N1 SAH D . 0.17 20.02 12.78
C2 SAH D . 1.21 19.46 12.15
N3 SAH D . 1.16 18.28 11.52
C4 SAH D . 0.03 17.56 11.48
HN1 SAH D . 2.39 9.74 6.22
HN2 SAH D . 3.57 10.84 6.59
HA SAH D . 2.14 10.58 4.00
HB1 SAH D . 2.55 12.71 3.75
HB2 SAH D . 4.19 12.61 4.29
HG1 SAH D . 3.08 14.22 5.62
HG2 SAH D . 3.34 12.81 6.67
H5'1 SAH D . -0.25 14.74 6.58
H5'2 SAH D . 1.32 15.32 6.00
H4' SAH D . 2.40 14.91 8.14
H3' SAH D . 0.40 12.79 8.39
HO3' SAH D . 2.62 13.34 10.12
H2' SAH D . -0.89 13.93 9.89
HO2' SAH D . -0.22 13.39 11.84
H1' SAH D . 1.60 15.54 10.55
H8 SAH D . -2.20 15.33 10.95
HN61 SAH D . -1.99 20.86 13.93
HN62 SAH D . -2.98 19.49 13.48
H2 SAH D . 2.14 20.00 12.15
N SAH E . 25.22 6.17 -18.11
CA SAH E . 23.90 5.76 -18.57
CB SAH E . 23.85 4.24 -18.49
CG SAH E . 24.01 3.52 -19.83
SD SAH E . 25.59 3.90 -20.48
C SAH E . 22.86 6.52 -17.73
O SAH E . 22.89 6.40 -16.49
OXT SAH E . 22.02 7.23 -18.32
C5' SAH E . 26.60 2.54 -20.03
C4' SAH E . 28.07 2.98 -20.01
O4' SAH E . 28.98 1.89 -20.13
C3' SAH E . 28.42 3.90 -21.16
O3' SAH E . 28.33 5.27 -20.76
C2' SAH E . 29.83 3.54 -21.59
O2' SAH E . 30.73 4.61 -21.34
C1' SAH E . 30.19 2.32 -20.76
N9 SAH E . 30.74 1.18 -21.56
C8 SAH E . 30.54 0.90 -22.86
N7 SAH E . 31.23 -0.22 -23.22
C5 SAH E . 31.87 -0.68 -22.13
C6 SAH E . 32.75 -1.81 -21.80
N6 SAH E . 33.11 -2.71 -22.74
N1 SAH E . 33.20 -1.92 -20.52
C2 SAH E . 32.86 -1.02 -19.57
N3 SAH E . 32.06 0.03 -19.80
C4 SAH E . 31.54 0.26 -21.04
HN1 SAH E . 26.03 5.60 -18.34
HN2 SAH E . 25.33 7.01 -17.58
HA SAH E . 23.78 6.04 -19.62
HB1 SAH E . 24.65 3.89 -17.82
HB2 SAH E . 22.90 3.93 -18.05
HG1 SAH E . 23.22 3.86 -20.52
HG2 SAH E . 23.91 2.45 -19.69
H5'1 SAH E . 26.48 1.73 -20.76
H5'2 SAH E . 26.31 2.16 -19.05
H4' SAH E . 28.25 3.52 -19.07
H3' SAH E . 27.73 3.71 -22.00
HO3' SAH E . 28.96 5.79 -21.27
H2' SAH E . 29.82 3.31 -22.66
HO2' SAH E . 30.73 4.81 -20.39
H1' SAH E . 30.92 2.61 -20.00
H8 SAH E . 29.94 1.49 -23.54
HN61 SAH E . 33.71 -3.49 -22.49
HN62 SAH E . 32.76 -2.62 -23.68
H2 SAH E . 33.25 -1.15 -18.57
#